data_6CQ8
#
_entry.id   6CQ8
#
_cell.length_a   67.074
_cell.length_b   119.386
_cell.length_c   128.179
_cell.angle_alpha   90.00
_cell.angle_beta   90.00
_cell.angle_gamma   90.00
#
_symmetry.space_group_name_H-M   'P 21 21 21'
#
loop_
_entity.id
_entity.type
_entity.pdbx_description
1 polymer 'Potassium channel subfamily K member 2'
2 non-polymer 'POTASSIUM ION'
3 non-polymer HEXADECANE
4 non-polymer N-[(2,4-dichlorophenyl)methyl]-4-[(methylsulfonyl)amino]benzamide
5 non-polymer N-((E,2S,3R)-1,3-DIHYDROXYOCTADEC-4-EN-2-YL)PALMITAMIDE
6 non-polymer 'CADMIUM ION'
#
_entity_poly.entity_id   1
_entity_poly.type   'polypeptide(L)'
_entity_poly.pdbx_seq_one_letter_code
;MSFSSKPTVLASRVESDSAINVMKWKTVSTIFLVVVLYLIIGATVFKALEQPQEISQRTTIVIQREKFLRAHPCVSDQEL
DELIQQIVAAINAGIIPLGASSNQVSHWDLGSSFFFAGTVITTIGFGNISPRTEGGKIFCIIYALLGIPLFGFLLAGVGD
QLGTIFGKGIAKVEDTFIKWNVSQTKIRIISTIIFILFGCVLFVALPAVIFKHIEGWSALDAIYFVVITLTTIGFGDYVA
GGSDIEYLDFYKPVVWFWILVGLAYFAAVLSMIGDWLRVIAKKTKEAVGEFRAHAAEWTANVTSNSLEVLFQ
;
_entity_poly.pdbx_strand_id   A,B
#
loop_
_chem_comp.id
_chem_comp.type
_chem_comp.name
_chem_comp.formula
16C non-polymer N-((E,2S,3R)-1,3-DIHYDROXYOCTADEC-4-EN-2-YL)PALMITAMIDE 'C34 H67 N O3'
CD non-polymer 'CADMIUM ION' 'Cd 2'
K non-polymer 'POTASSIUM ION' 'K 1'
Q6F non-polymer N-[(2,4-dichlorophenyl)methyl]-4-[(methylsulfonyl)amino]benzamide 'C15 H14 Cl2 N2 O3 S'
R16 non-polymer HEXADECANE 'C16 H34'
#
# COMPACT_ATOMS: atom_id res chain seq x y z
N SER A 16 -33.03 -0.29 -24.22
CA SER A 16 -32.78 -1.57 -23.57
C SER A 16 -31.67 -1.46 -22.51
N ASP A 17 -32.07 -1.58 -21.23
CA ASP A 17 -31.13 -1.41 -20.13
C ASP A 17 -30.12 -2.55 -20.08
N SER A 18 -30.57 -3.79 -20.25
CA SER A 18 -29.67 -4.94 -20.22
C SER A 18 -28.68 -4.92 -21.38
N ALA A 19 -28.96 -4.16 -22.45
CA ALA A 19 -28.00 -4.06 -23.54
C ALA A 19 -26.83 -3.17 -23.17
N ILE A 20 -27.09 -2.06 -22.47
CA ILE A 20 -26.01 -1.19 -21.99
C ILE A 20 -25.14 -1.94 -20.98
N ASN A 21 -25.76 -2.74 -20.12
CA ASN A 21 -25.02 -3.52 -19.13
C ASN A 21 -24.18 -4.62 -19.79
N VAL A 22 -24.65 -5.17 -20.92
CA VAL A 22 -23.85 -6.15 -21.65
C VAL A 22 -22.61 -5.48 -22.25
N MET A 23 -22.74 -4.22 -22.65
CA MET A 23 -21.57 -3.48 -23.15
C MET A 23 -20.57 -3.23 -22.03
N LYS A 24 -21.06 -2.93 -20.82
CA LYS A 24 -20.16 -2.70 -19.70
C LYS A 24 -19.43 -3.98 -19.30
N TRP A 25 -20.13 -5.09 -19.15
CA TRP A 25 -19.45 -6.31 -18.74
C TRP A 25 -18.46 -6.77 -19.80
N LYS A 26 -18.72 -6.48 -21.07
CA LYS A 26 -17.74 -6.78 -22.10
C LYS A 26 -16.47 -5.94 -21.90
N THR A 27 -16.64 -4.68 -21.54
CA THR A 27 -15.48 -3.82 -21.27
C THR A 27 -14.71 -4.29 -20.05
N VAL A 28 -15.42 -4.53 -18.94
CA VAL A 28 -14.76 -5.01 -17.73
C VAL A 28 -13.98 -6.29 -18.01
N SER A 29 -14.65 -7.25 -18.66
CA SER A 29 -14.05 -8.56 -18.87
C SER A 29 -12.77 -8.48 -19.69
N THR A 30 -12.65 -7.49 -20.58
CA THR A 30 -11.42 -7.36 -21.35
C THR A 30 -10.31 -6.72 -20.51
N ILE A 31 -10.64 -5.64 -19.78
CA ILE A 31 -9.69 -5.05 -18.86
C ILE A 31 -9.29 -6.07 -17.80
N PHE A 32 -10.23 -6.94 -17.39
CA PHE A 32 -9.89 -8.04 -16.50
C PHE A 32 -8.86 -8.97 -17.13
N LEU A 33 -9.06 -9.36 -18.40
CA LEU A 33 -8.11 -10.26 -19.03
C LEU A 33 -6.75 -9.61 -19.17
N VAL A 34 -6.71 -8.33 -19.53
CA VAL A 34 -5.44 -7.62 -19.62
C VAL A 34 -4.74 -7.60 -18.27
N VAL A 35 -5.50 -7.47 -17.19
CA VAL A 35 -4.90 -7.49 -15.85
C VAL A 35 -4.34 -8.87 -15.54
N VAL A 36 -5.13 -9.92 -15.77
CA VAL A 36 -4.63 -11.26 -15.54
C VAL A 36 -3.44 -11.56 -16.45
N LEU A 37 -3.47 -11.04 -17.67
CA LEU A 37 -2.37 -11.29 -18.58
C LEU A 37 -1.15 -10.47 -18.18
N TYR A 38 -1.38 -9.32 -17.57
CA TYR A 38 -0.29 -8.52 -17.01
C TYR A 38 0.31 -9.20 -15.78
N LEU A 39 -0.55 -9.73 -14.90
CA LEU A 39 -0.06 -10.48 -13.75
C LEU A 39 0.76 -11.70 -14.18
N ILE A 40 0.37 -12.34 -15.28
CA ILE A 40 1.08 -13.54 -15.73
C ILE A 40 2.47 -13.18 -16.21
N ILE A 41 2.57 -12.14 -17.04
CA ILE A 41 3.87 -11.67 -17.51
C ILE A 41 4.76 -11.33 -16.32
N GLY A 42 4.28 -10.41 -15.48
CA GLY A 42 5.07 -10.02 -14.32
C GLY A 42 5.51 -11.21 -13.49
N ALA A 43 4.60 -12.15 -13.24
CA ALA A 43 4.95 -13.31 -12.44
C ALA A 43 6.16 -14.03 -13.00
N THR A 44 6.20 -14.20 -14.32
CA THR A 44 7.32 -14.92 -14.93
C THR A 44 8.60 -14.08 -14.91
N VAL A 45 8.48 -12.76 -15.14
CA VAL A 45 9.67 -11.91 -15.14
C VAL A 45 10.27 -11.81 -13.74
N PHE A 46 9.42 -11.76 -12.71
CA PHE A 46 9.96 -11.75 -11.35
C PHE A 46 10.52 -13.11 -10.97
N LYS A 47 9.75 -14.17 -11.22
CA LYS A 47 10.28 -15.51 -11.02
C LYS A 47 11.58 -15.71 -11.78
N ALA A 48 11.72 -15.03 -12.92
CA ALA A 48 12.95 -15.10 -13.71
C ALA A 48 14.08 -14.30 -13.08
N LEU A 49 13.77 -13.26 -12.32
CA LEU A 49 14.78 -12.37 -11.75
C LEU A 49 15.14 -12.72 -10.31
N GLU A 50 14.23 -13.29 -9.54
CA GLU A 50 14.42 -13.50 -8.12
C GLU A 50 14.64 -14.96 -7.72
N GLN A 51 14.15 -15.90 -8.52
CA GLN A 51 14.39 -17.32 -8.27
C GLN A 51 15.87 -17.62 -8.07
N PRO A 52 16.79 -17.19 -8.95
CA PRO A 52 18.21 -17.49 -8.77
C PRO A 52 18.79 -17.03 -7.44
N GLN A 53 18.75 -15.72 -7.17
CA GLN A 53 19.28 -15.18 -5.91
C GLN A 53 18.71 -15.90 -4.71
N GLU A 54 17.49 -16.42 -4.83
CA GLU A 54 16.93 -17.21 -3.74
C GLU A 54 17.71 -18.51 -3.56
N ILE A 55 18.15 -19.12 -4.66
CA ILE A 55 18.86 -20.39 -4.56
C ILE A 55 20.30 -20.17 -4.10
N SER A 56 20.96 -19.15 -4.64
CA SER A 56 22.33 -18.87 -4.22
C SER A 56 22.41 -18.43 -2.77
N GLN A 57 21.36 -17.77 -2.27
CA GLN A 57 21.35 -17.36 -0.87
C GLN A 57 20.83 -18.48 0.04
N ARG A 58 20.10 -19.43 -0.52
CA ARG A 58 19.73 -20.65 0.20
C ARG A 58 20.90 -21.62 0.31
N THR A 59 21.80 -21.61 -0.66
CA THR A 59 22.98 -22.47 -0.59
C THR A 59 24.05 -21.88 0.32
N THR A 60 24.19 -20.55 0.33
CA THR A 60 25.20 -19.93 1.18
C THR A 60 24.77 -19.85 2.65
N ILE A 61 23.46 -19.79 2.91
CA ILE A 61 23.00 -19.79 4.30
C ILE A 61 23.07 -21.18 4.90
N VAL A 62 23.05 -22.23 4.07
CA VAL A 62 23.28 -23.58 4.58
C VAL A 62 24.77 -23.83 4.82
N ILE A 63 25.62 -23.20 4.03
CA ILE A 63 27.06 -23.28 4.28
C ILE A 63 27.43 -22.55 5.57
N GLN A 64 26.81 -21.39 5.82
CA GLN A 64 27.09 -20.68 7.06
C GLN A 64 26.58 -21.44 8.27
N ARG A 65 25.54 -22.25 8.12
CA ARG A 65 24.94 -22.93 9.27
C ARG A 65 25.86 -24.02 9.80
N GLU A 66 26.52 -24.77 8.91
CA GLU A 66 27.55 -25.69 9.37
C GLU A 66 28.88 -24.99 9.59
N LYS A 67 29.15 -23.92 8.84
CA LYS A 67 30.38 -23.15 9.06
C LYS A 67 30.45 -22.63 10.49
N PHE A 68 29.30 -22.47 11.14
CA PHE A 68 29.29 -22.07 12.54
C PHE A 68 29.43 -23.26 13.48
N LEU A 69 28.90 -24.43 13.11
CA LEU A 69 29.08 -25.61 13.94
C LEU A 69 30.51 -26.14 13.85
N ARG A 70 31.21 -25.88 12.75
CA ARG A 70 32.56 -26.38 12.58
C ARG A 70 33.60 -25.45 13.20
N ALA A 71 33.48 -24.15 12.97
CA ALA A 71 34.45 -23.20 13.53
C ALA A 71 34.37 -23.15 15.05
N HIS A 72 33.18 -23.34 15.63
CA HIS A 72 32.99 -23.37 17.07
C HIS A 72 32.39 -24.70 17.47
N PRO A 73 33.21 -25.73 17.73
CA PRO A 73 32.68 -26.95 18.35
C PRO A 73 31.96 -26.66 19.66
N CYS A 74 32.13 -25.45 20.17
CA CYS A 74 31.49 -25.05 21.41
C CYS A 74 29.98 -25.30 21.37
N VAL A 75 29.33 -24.98 20.26
CA VAL A 75 27.88 -25.11 20.14
C VAL A 75 27.56 -26.48 19.55
N SER A 76 26.76 -27.25 20.26
CA SER A 76 26.28 -28.50 19.70
C SER A 76 25.20 -28.23 18.66
N ASP A 77 24.93 -29.24 17.82
CA ASP A 77 23.92 -29.09 16.78
C ASP A 77 22.52 -28.91 17.37
N GLN A 78 22.25 -29.54 18.51
CA GLN A 78 20.91 -29.51 19.08
C GLN A 78 20.57 -28.15 19.65
N GLU A 79 21.59 -27.41 20.10
CA GLU A 79 21.36 -26.09 20.70
C GLU A 79 21.01 -25.07 19.63
N LEU A 80 21.62 -25.20 18.45
CA LEU A 80 21.43 -24.21 17.38
C LEU A 80 19.96 -24.05 17.03
N ASP A 81 19.22 -25.15 16.93
CA ASP A 81 17.81 -25.07 16.58
C ASP A 81 17.03 -24.29 17.64
N GLU A 82 17.35 -24.51 18.91
CA GLU A 82 16.73 -23.73 19.98
C GLU A 82 17.07 -22.25 19.83
N LEU A 83 18.31 -21.96 19.46
CA LEU A 83 18.71 -20.57 19.26
C LEU A 83 17.91 -19.91 18.15
N ILE A 84 17.73 -20.60 17.03
CA ILE A 84 17.05 -20.01 15.88
C ILE A 84 15.55 -19.89 16.10
N GLN A 85 14.97 -20.69 17.00
CA GLN A 85 13.56 -20.50 17.34
C GLN A 85 13.35 -19.20 18.11
N GLN A 86 14.29 -18.84 18.97
CA GLN A 86 14.14 -17.62 19.75
C GLN A 86 14.31 -16.39 18.88
N ILE A 87 15.23 -16.43 17.91
CA ILE A 87 15.40 -15.32 16.99
C ILE A 87 14.14 -15.11 16.16
N VAL A 88 13.48 -16.19 15.78
CA VAL A 88 12.22 -16.09 15.05
C VAL A 88 11.19 -15.33 15.87
N ALA A 89 11.14 -15.58 17.17
CA ALA A 89 10.24 -14.82 18.04
C ALA A 89 10.63 -13.35 18.07
N ALA A 90 11.93 -13.06 18.17
CA ALA A 90 12.38 -11.67 18.18
C ALA A 90 11.96 -10.93 16.93
N ILE A 91 11.84 -11.64 15.80
CA ILE A 91 11.29 -11.02 14.60
C ILE A 91 9.87 -10.57 14.82
N ASN A 92 9.12 -11.30 15.64
CA ASN A 92 7.73 -10.97 15.92
C ASN A 92 7.57 -9.82 16.89
N ALA A 93 8.67 -9.28 17.41
CA ALA A 93 8.65 -8.08 18.23
C ALA A 93 9.53 -6.97 17.67
N GLY A 94 10.77 -7.30 17.28
CA GLY A 94 11.70 -6.31 16.76
C GLY A 94 13.15 -6.75 16.78
N SER A 106 14.05 1.95 21.04
CA SER A 106 12.68 1.50 21.15
C SER A 106 11.91 1.75 19.86
N HIS A 107 10.94 0.89 19.58
CA HIS A 107 10.12 0.99 18.38
C HIS A 107 8.85 1.81 18.58
N TRP A 108 8.38 1.97 19.82
CA TRP A 108 7.12 2.66 20.06
C TRP A 108 7.31 3.92 20.89
N ASP A 109 8.33 4.70 20.58
CA ASP A 109 8.61 5.91 21.36
C ASP A 109 7.73 7.05 20.86
N LEU A 110 8.03 8.27 21.31
CA LEU A 110 7.25 9.43 20.92
C LEU A 110 7.27 9.65 19.41
N GLY A 111 8.35 9.25 18.73
CA GLY A 111 8.49 9.55 17.33
C GLY A 111 8.06 8.41 16.42
N SER A 112 8.40 7.18 16.80
CA SER A 112 8.03 6.03 15.97
C SER A 112 6.53 5.84 15.91
N SER A 113 5.85 5.94 17.06
CA SER A 113 4.40 5.80 17.01
C SER A 113 3.77 6.91 16.19
N PHE A 114 4.41 8.07 16.09
CA PHE A 114 3.93 9.13 15.21
C PHE A 114 4.15 8.75 13.75
N PHE A 115 5.35 8.26 13.44
CA PHE A 115 5.65 7.57 12.19
C PHE A 115 4.59 6.54 11.83
N PHE A 116 4.41 5.55 12.69
CA PHE A 116 3.39 4.53 12.46
C PHE A 116 2.07 5.15 12.02
N ALA A 117 1.53 6.05 12.84
CA ALA A 117 0.31 6.74 12.47
C ALA A 117 0.42 7.29 11.06
N GLY A 118 1.60 7.77 10.69
CA GLY A 118 1.80 8.22 9.31
C GLY A 118 1.63 7.10 8.30
N THR A 119 2.22 5.93 8.57
CA THR A 119 2.11 4.83 7.62
C THR A 119 0.68 4.31 7.53
N VAL A 120 -0.14 4.53 8.55
CA VAL A 120 -1.53 4.08 8.49
C VAL A 120 -2.34 5.02 7.61
N ILE A 121 -2.46 6.28 7.98
CA ILE A 121 -3.40 7.15 7.29
C ILE A 121 -2.99 7.40 5.84
N THR A 122 -1.69 7.23 5.50
CA THR A 122 -1.25 7.34 4.11
C THR A 122 -1.40 6.04 3.34
N THR A 123 -1.61 4.93 4.04
CA THR A 123 -1.79 3.59 3.47
C THR A 123 -0.48 3.03 2.93
N ILE A 124 0.62 3.77 3.04
CA ILE A 124 1.92 3.21 2.70
C ILE A 124 2.19 1.96 3.54
N GLY A 125 2.02 2.09 4.86
CA GLY A 125 2.11 0.96 5.75
C GLY A 125 3.33 0.09 5.53
N PHE A 126 4.53 0.65 5.76
CA PHE A 126 5.76 -0.11 5.60
C PHE A 126 5.74 -1.40 6.42
N GLY A 127 5.09 -1.40 7.59
CA GLY A 127 5.00 -2.60 8.38
C GLY A 127 6.25 -2.98 9.13
N ASN A 128 7.32 -2.17 9.04
CA ASN A 128 8.46 -2.35 9.94
C ASN A 128 8.04 -2.20 11.39
N ILE A 129 7.03 -1.38 11.67
CA ILE A 129 6.40 -1.28 12.98
C ILE A 129 4.92 -1.60 12.79
N SER A 130 4.42 -2.57 13.55
CA SER A 130 3.02 -2.95 13.45
C SER A 130 2.52 -3.33 14.83
N PRO A 131 1.25 -3.03 15.13
CA PRO A 131 0.72 -3.31 16.47
C PRO A 131 0.68 -4.80 16.76
N ARG A 132 1.09 -5.15 17.98
CA ARG A 132 1.02 -6.52 18.50
C ARG A 132 -0.07 -6.71 19.53
N THR A 133 -0.42 -5.64 20.25
CA THR A 133 -1.49 -5.68 21.23
C THR A 133 -2.83 -5.94 20.54
N GLU A 134 -3.70 -6.69 21.21
CA GLU A 134 -5.06 -6.83 20.70
C GLU A 134 -5.74 -5.48 20.58
N GLY A 135 -5.52 -4.59 21.56
CA GLY A 135 -6.15 -3.28 21.53
C GLY A 135 -5.50 -2.32 20.56
N GLY A 136 -4.21 -2.50 20.29
CA GLY A 136 -3.56 -1.68 19.28
C GLY A 136 -3.98 -2.07 17.88
N LYS A 137 -4.40 -3.32 17.69
CA LYS A 137 -4.99 -3.73 16.42
C LYS A 137 -6.39 -3.16 16.25
N ILE A 138 -7.21 -3.20 17.31
CA ILE A 138 -8.55 -2.63 17.24
C ILE A 138 -8.49 -1.12 17.02
N PHE A 139 -7.60 -0.44 17.74
CA PHE A 139 -7.47 0.99 17.54
C PHE A 139 -6.93 1.31 16.16
N CYS A 140 -6.03 0.46 15.65
CA CYS A 140 -5.49 0.66 14.31
C CYS A 140 -6.59 0.53 13.24
N ILE A 141 -7.54 -0.39 13.45
CA ILE A 141 -8.70 -0.49 12.57
C ILE A 141 -9.52 0.80 12.61
N ILE A 142 -9.84 1.26 13.82
CA ILE A 142 -10.57 2.51 13.96
C ILE A 142 -9.76 3.67 13.42
N TYR A 143 -8.49 3.76 13.82
CA TYR A 143 -7.65 4.86 13.38
C TYR A 143 -7.59 4.93 11.85
N ALA A 144 -7.51 3.75 11.21
CA ALA A 144 -7.33 3.72 9.76
C ALA A 144 -8.62 4.05 9.02
N LEU A 145 -9.76 3.57 9.50
CA LEU A 145 -11.02 3.84 8.82
C LEU A 145 -11.34 5.33 8.84
N LEU A 146 -11.02 6.01 9.94
CA LEU A 146 -11.20 7.45 10.04
C LEU A 146 -10.00 8.24 9.52
N GLY A 147 -8.80 7.66 9.63
CA GLY A 147 -7.59 8.35 9.21
C GLY A 147 -7.43 8.48 7.73
N ILE A 148 -7.65 7.38 6.99
CA ILE A 148 -7.44 7.40 5.54
C ILE A 148 -8.32 8.45 4.86
N PRO A 149 -9.63 8.48 5.09
CA PRO A 149 -10.45 9.57 4.50
C PRO A 149 -9.99 10.96 4.88
N LEU A 150 -9.73 11.19 6.18
CA LEU A 150 -9.21 12.49 6.60
C LEU A 150 -7.98 12.90 5.81
N PHE A 151 -6.98 12.01 5.72
CA PHE A 151 -5.75 12.37 5.04
C PHE A 151 -6.01 12.70 3.57
N GLY A 152 -7.01 12.03 2.97
CA GLY A 152 -7.33 12.31 1.58
C GLY A 152 -7.64 13.77 1.33
N PHE A 153 -8.43 14.38 2.22
CA PHE A 153 -8.73 15.80 2.06
C PHE A 153 -7.45 16.62 2.11
N LEU A 154 -6.67 16.48 3.17
CA LEU A 154 -5.34 17.09 3.19
C LEU A 154 -4.64 16.89 1.86
N LEU A 155 -4.49 15.63 1.45
CA LEU A 155 -3.74 15.33 0.24
C LEU A 155 -4.40 15.96 -0.97
N ALA A 156 -5.72 16.17 -0.91
CA ALA A 156 -6.45 16.75 -2.03
C ALA A 156 -6.17 18.25 -2.16
N GLY A 157 -6.08 18.95 -1.02
CA GLY A 157 -5.74 20.37 -1.06
C GLY A 157 -4.28 20.60 -1.41
N VAL A 158 -3.36 19.81 -0.81
CA VAL A 158 -1.95 19.89 -1.17
C VAL A 158 -1.79 19.82 -2.69
N GLY A 159 -2.30 18.74 -3.29
CA GLY A 159 -2.25 18.61 -4.73
C GLY A 159 -2.87 19.80 -5.45
N ASP A 160 -4.04 20.24 -4.99
CA ASP A 160 -4.64 21.46 -5.53
C ASP A 160 -3.64 22.61 -5.54
N GLN A 161 -3.12 22.96 -4.36
CA GLN A 161 -2.12 24.02 -4.29
C GLN A 161 -0.97 23.74 -5.26
N LEU A 162 -0.36 22.56 -5.13
CA LEU A 162 0.77 22.22 -5.97
C LEU A 162 0.42 22.34 -7.44
N GLY A 163 -0.82 22.02 -7.81
CA GLY A 163 -1.22 22.10 -9.22
C GLY A 163 -1.44 23.52 -9.71
N THR A 164 -1.77 24.43 -8.81
CA THR A 164 -1.90 25.83 -9.19
C THR A 164 -0.54 26.51 -9.26
N ILE A 165 0.35 26.19 -8.31
CA ILE A 165 1.73 26.67 -8.36
C ILE A 165 2.35 26.35 -9.71
N PHE A 166 2.11 25.13 -10.20
CA PHE A 166 2.61 24.71 -11.50
CA PHE A 166 2.66 24.76 -11.50
C PHE A 166 1.87 25.42 -12.64
N GLY A 167 0.66 25.88 -12.38
CA GLY A 167 -0.07 26.64 -13.39
C GLY A 167 0.53 28.02 -13.61
N LYS A 168 0.90 28.70 -12.52
CA LYS A 168 1.63 29.96 -12.62
C LYS A 168 2.98 29.79 -13.31
N GLY A 169 3.44 28.56 -13.50
CA GLY A 169 4.70 28.31 -14.17
C GLY A 169 4.53 28.04 -15.65
N ILE A 170 3.45 27.36 -16.03
CA ILE A 170 3.23 27.05 -17.44
C ILE A 170 2.63 28.24 -18.18
N ALA A 171 1.91 29.11 -17.49
CA ALA A 171 1.51 30.38 -18.10
C ALA A 171 2.75 31.18 -18.50
N LYS A 172 3.76 31.21 -17.63
CA LYS A 172 5.03 31.87 -17.96
C LYS A 172 5.74 31.16 -19.10
N VAL A 173 5.65 29.84 -19.14
CA VAL A 173 6.34 29.06 -20.18
C VAL A 173 5.53 29.05 -21.46
N GLU A 174 4.21 28.93 -21.37
CA GLU A 174 3.39 28.95 -22.58
C GLU A 174 3.03 30.37 -22.99
N ASP A 175 3.98 31.28 -22.90
CA ASP A 175 3.94 32.63 -23.48
C ASP A 175 5.25 32.98 -24.19
N THR A 176 6.39 32.56 -23.63
CA THR A 176 7.70 32.86 -24.21
C THR A 176 7.98 31.97 -25.41
N PHE A 177 7.42 30.76 -25.43
CA PHE A 177 7.60 29.88 -26.58
C PHE A 177 6.47 30.03 -27.60
N ILE A 178 5.24 30.29 -27.17
CA ILE A 178 4.17 30.45 -28.14
C ILE A 178 4.01 31.92 -28.54
N LYS A 179 4.96 32.42 -29.33
CA LYS A 179 4.72 33.56 -30.21
C LYS A 179 5.54 33.43 -31.49
N TRP A 180 6.10 32.24 -31.73
CA TRP A 180 7.20 31.96 -32.64
C TRP A 180 7.01 30.52 -33.09
N ASN A 181 8.10 29.79 -33.24
CA ASN A 181 8.18 28.44 -33.80
C ASN A 181 7.02 27.52 -33.45
N VAL A 182 6.94 26.38 -34.12
CA VAL A 182 5.69 25.71 -34.47
C VAL A 182 4.65 25.83 -33.36
N SER A 183 3.42 26.16 -33.76
CA SER A 183 2.35 26.58 -32.88
C SER A 183 1.65 25.41 -32.20
N GLN A 184 0.45 25.66 -31.68
CA GLN A 184 -0.27 24.78 -30.77
C GLN A 184 -0.56 23.40 -31.35
N THR A 185 -1.13 22.52 -30.52
CA THR A 185 -1.48 21.12 -30.80
C THR A 185 -0.29 20.18 -30.66
N LYS A 186 0.93 20.70 -30.45
CA LYS A 186 2.06 19.88 -30.04
C LYS A 186 2.85 20.53 -28.91
N ILE A 187 2.45 21.72 -28.45
CA ILE A 187 3.06 22.34 -27.27
C ILE A 187 2.49 21.78 -25.99
N ARG A 188 1.27 21.23 -26.03
CA ARG A 188 0.72 20.55 -24.87
C ARG A 188 1.53 19.31 -24.50
N ILE A 189 2.18 18.69 -25.49
CA ILE A 189 3.04 17.55 -25.20
C ILE A 189 4.38 18.01 -24.65
N ILE A 190 4.88 19.16 -25.11
CA ILE A 190 6.12 19.69 -24.55
C ILE A 190 5.92 20.09 -23.10
N SER A 191 4.74 20.64 -22.77
CA SER A 191 4.49 21.10 -21.41
C SER A 191 4.47 19.94 -20.43
N THR A 192 3.81 18.84 -20.79
CA THR A 192 3.76 17.70 -19.87
C THR A 192 5.13 17.10 -19.63
N ILE A 193 6.06 17.25 -20.58
CA ILE A 193 7.43 16.80 -20.35
C ILE A 193 8.10 17.71 -19.33
N ILE A 194 7.74 18.99 -19.32
CA ILE A 194 8.23 19.89 -18.28
C ILE A 194 7.75 19.41 -16.92
N PHE A 195 6.47 19.06 -16.81
CA PHE A 195 5.92 18.55 -15.57
C PHE A 195 6.58 17.25 -15.13
N ILE A 196 7.04 16.45 -16.09
CA ILE A 196 7.69 15.18 -15.75
C ILE A 196 9.19 15.37 -15.53
N LEU A 197 9.82 16.24 -16.31
CA LEU A 197 11.25 16.47 -16.15
C LEU A 197 11.56 17.04 -14.76
N PHE A 198 11.07 18.25 -14.48
CA PHE A 198 11.24 18.82 -13.15
C PHE A 198 10.68 17.91 -12.07
N GLY A 199 9.42 17.51 -12.20
CA GLY A 199 8.80 16.64 -11.24
C GLY A 199 9.71 15.54 -10.73
N CYS A 200 10.37 14.83 -11.66
CA CYS A 200 11.32 13.80 -11.26
C CYS A 200 12.48 14.39 -10.49
N VAL A 201 12.87 15.62 -10.82
CA VAL A 201 14.02 16.24 -10.18
C VAL A 201 13.73 16.52 -8.72
N LEU A 202 12.63 17.25 -8.45
CA LEU A 202 12.35 17.74 -7.11
C LEU A 202 11.83 16.64 -6.18
N PHE A 203 11.07 15.69 -6.74
CA PHE A 203 10.35 14.72 -5.93
C PHE A 203 11.00 13.35 -5.94
N VAL A 204 11.81 13.05 -6.95
CA VAL A 204 12.39 11.72 -7.11
C VAL A 204 13.91 11.80 -7.01
N ALA A 205 14.51 12.63 -7.87
CA ALA A 205 15.97 12.71 -7.97
C ALA A 205 16.57 13.35 -6.73
N LEU A 206 16.22 14.61 -6.48
CA LEU A 206 16.81 15.31 -5.34
C LEU A 206 16.65 14.53 -4.04
N PRO A 207 15.47 14.03 -3.68
CA PRO A 207 15.35 13.27 -2.43
C PRO A 207 16.13 11.95 -2.44
N ALA A 208 16.28 11.32 -3.61
CA ALA A 208 17.10 10.10 -3.66
C ALA A 208 18.56 10.42 -3.39
N VAL A 209 19.02 11.60 -3.84
CA VAL A 209 20.38 12.03 -3.55
C VAL A 209 20.58 12.19 -2.04
N ILE A 210 19.64 12.86 -1.38
CA ILE A 210 19.72 13.08 0.06
C ILE A 210 19.66 11.75 0.81
N PHE A 211 18.78 10.85 0.37
CA PHE A 211 18.68 9.53 0.99
C PHE A 211 19.97 8.75 0.83
N LYS A 212 20.58 8.80 -0.35
CA LYS A 212 21.82 8.09 -0.61
C LYS A 212 22.88 8.43 0.43
N HIS A 213 23.09 9.73 0.69
CA HIS A 213 24.11 10.16 1.63
C HIS A 213 23.68 9.98 3.08
N ILE A 214 22.41 10.25 3.39
CA ILE A 214 21.99 10.18 4.79
C ILE A 214 21.68 8.76 5.21
N GLU A 215 21.21 7.93 4.29
CA GLU A 215 20.84 6.56 4.64
C GLU A 215 21.91 5.54 4.27
N GLY A 216 22.82 5.86 3.36
CA GLY A 216 23.78 4.88 2.90
C GLY A 216 23.22 3.91 1.88
N TRP A 217 22.12 4.27 1.22
CA TRP A 217 21.51 3.43 0.20
C TRP A 217 22.17 3.70 -1.15
N SER A 218 22.24 2.65 -1.98
CA SER A 218 22.77 2.85 -3.31
C SER A 218 21.84 3.76 -4.11
N ALA A 219 22.37 4.28 -5.22
CA ALA A 219 21.56 5.15 -6.08
C ALA A 219 20.28 4.43 -6.51
N LEU A 220 20.37 3.14 -6.81
CA LEU A 220 19.17 2.39 -7.17
C LEU A 220 18.26 2.21 -5.96
N ASP A 221 18.82 1.77 -4.83
CA ASP A 221 18.00 1.52 -3.65
C ASP A 221 17.22 2.76 -3.24
N ALA A 222 17.83 3.93 -3.34
CA ALA A 222 17.13 5.17 -3.00
C ALA A 222 15.96 5.41 -3.93
N ILE A 223 16.20 5.35 -5.24
CA ILE A 223 15.13 5.54 -6.21
C ILE A 223 14.04 4.49 -6.01
N TYR A 224 14.45 3.22 -5.93
CA TYR A 224 13.52 2.16 -5.56
C TYR A 224 12.65 2.58 -4.37
N PHE A 225 13.28 3.01 -3.27
CA PHE A 225 12.53 3.50 -2.12
C PHE A 225 11.55 4.61 -2.49
N VAL A 226 12.04 5.62 -3.22
CA VAL A 226 11.20 6.77 -3.57
C VAL A 226 9.89 6.32 -4.19
N VAL A 227 9.97 5.38 -5.15
CA VAL A 227 8.81 4.96 -5.92
C VAL A 227 7.91 4.04 -5.09
N ILE A 228 8.51 3.08 -4.38
CA ILE A 228 7.72 2.16 -3.57
C ILE A 228 7.06 2.86 -2.39
N THR A 229 7.54 4.05 -2.03
CA THR A 229 6.92 4.81 -0.97
C THR A 229 5.85 5.74 -1.51
N LEU A 230 6.22 6.59 -2.48
CA LEU A 230 5.31 7.57 -3.05
C LEU A 230 4.21 6.96 -3.91
N THR A 231 4.19 5.65 -4.13
CA THR A 231 3.06 4.99 -4.75
C THR A 231 2.16 4.32 -3.74
N THR A 232 2.45 4.47 -2.46
CA THR A 232 1.76 3.83 -1.33
C THR A 232 1.94 2.32 -1.31
N ILE A 233 2.76 1.76 -2.19
CA ILE A 233 3.07 0.33 -2.09
C ILE A 233 3.69 0.03 -0.74
N GLY A 234 4.87 0.60 -0.48
CA GLY A 234 5.52 0.51 0.81
C GLY A 234 5.80 -0.90 1.29
N PHE A 235 6.69 -1.63 0.59
CA PHE A 235 7.04 -2.97 1.05
C PHE A 235 7.58 -2.93 2.47
N GLY A 236 8.29 -1.87 2.83
CA GLY A 236 8.95 -1.80 4.11
C GLY A 236 10.33 -2.43 4.14
N ASP A 237 10.85 -2.86 2.99
CA ASP A 237 12.20 -3.39 2.96
C ASP A 237 13.25 -2.29 3.05
N TYR A 238 12.88 -1.07 2.67
CA TYR A 238 13.70 0.13 2.87
C TYR A 238 12.86 1.22 3.51
N VAL A 239 13.30 1.72 4.66
CA VAL A 239 12.55 2.75 5.38
C VAL A 239 13.49 3.92 5.65
N ALA A 240 13.09 5.11 5.24
CA ALA A 240 13.91 6.30 5.52
C ALA A 240 13.74 6.67 6.98
N GLY A 241 14.80 6.51 7.77
CA GLY A 241 14.76 6.77 9.19
C GLY A 241 14.63 5.54 10.04
N GLY A 242 14.59 4.35 9.44
CA GLY A 242 14.34 3.13 10.19
C GLY A 242 15.60 2.47 10.70
N SER A 243 16.72 2.76 10.05
CA SER A 243 18.01 2.24 10.47
C SER A 243 18.56 3.04 11.64
N ASP A 244 19.32 2.36 12.51
CA ASP A 244 19.82 2.95 13.75
C ASP A 244 21.05 3.80 13.46
N ILE A 245 20.85 5.11 13.39
CA ILE A 245 21.88 6.06 12.99
C ILE A 245 21.52 7.43 13.55
N GLU A 246 22.49 8.32 13.61
CA GLU A 246 22.26 9.68 14.07
C GLU A 246 21.72 10.54 12.93
N TYR A 247 20.52 11.07 13.09
CA TYR A 247 19.84 11.87 12.08
C TYR A 247 19.78 13.32 12.54
N LEU A 248 20.06 14.24 11.63
CA LEU A 248 19.95 15.65 11.96
C LEU A 248 18.53 15.94 12.42
N ASP A 249 18.39 16.94 13.29
CA ASP A 249 17.08 17.32 13.79
C ASP A 249 16.09 17.61 12.68
N PHE A 250 16.57 17.97 11.49
CA PHE A 250 15.72 18.58 10.49
C PHE A 250 15.35 17.58 9.39
N TYR A 251 15.77 16.33 9.52
CA TYR A 251 15.64 15.34 8.45
C TYR A 251 14.25 14.70 8.40
N LYS A 252 13.90 13.97 9.45
CA LYS A 252 12.58 13.34 9.48
C LYS A 252 11.46 14.32 9.20
N PRO A 253 11.47 15.55 9.72
CA PRO A 253 10.40 16.49 9.34
C PRO A 253 10.37 16.80 7.86
N VAL A 254 11.54 16.90 7.22
CA VAL A 254 11.56 17.19 5.79
C VAL A 254 11.06 16.01 4.97
N VAL A 255 11.25 14.80 5.49
CA VAL A 255 10.70 13.62 4.80
C VAL A 255 9.18 13.66 4.82
N TRP A 256 8.59 13.90 6.00
CA TRP A 256 7.14 14.13 6.04
C TRP A 256 6.70 15.08 4.94
N PHE A 257 7.24 16.29 4.95
CA PHE A 257 6.87 17.25 3.90
C PHE A 257 7.09 16.65 2.51
N TRP A 258 8.21 15.95 2.31
CA TRP A 258 8.44 15.22 1.05
C TRP A 258 7.32 14.25 0.73
N ILE A 259 7.00 13.36 1.66
CA ILE A 259 5.87 12.44 1.49
C ILE A 259 4.61 13.22 1.17
N LEU A 260 4.28 14.19 2.01
CA LEU A 260 3.11 15.02 1.74
C LEU A 260 3.10 15.49 0.29
N VAL A 261 4.15 16.19 -0.13
CA VAL A 261 4.13 16.75 -1.46
C VAL A 261 4.45 15.70 -2.51
N GLY A 262 5.18 14.65 -2.14
CA GLY A 262 5.50 13.61 -3.11
C GLY A 262 4.32 12.74 -3.47
N LEU A 263 3.51 12.37 -2.46
CA LEU A 263 2.30 11.60 -2.75
C LEU A 263 1.39 12.35 -3.72
N ALA A 264 1.24 13.66 -3.53
CA ALA A 264 0.46 14.46 -4.47
C ALA A 264 1.01 14.34 -5.89
N TYR A 265 2.34 14.32 -6.02
CA TYR A 265 2.95 14.26 -7.35
C TYR A 265 2.69 12.93 -8.04
N PHE A 266 2.98 11.80 -7.38
CA PHE A 266 2.62 10.52 -7.97
C PHE A 266 1.11 10.38 -8.13
N ALA A 267 0.34 11.03 -7.27
CA ALA A 267 -1.11 11.07 -7.42
C ALA A 267 -1.50 11.44 -8.84
N ALA A 268 -0.97 12.56 -9.35
CA ALA A 268 -1.27 12.98 -10.71
C ALA A 268 -0.50 12.12 -11.71
N VAL A 269 0.80 11.92 -11.48
CA VAL A 269 1.63 11.11 -12.38
C VAL A 269 0.95 9.78 -12.67
N LEU A 270 0.54 9.06 -11.62
CA LEU A 270 -0.16 7.80 -11.83
C LEU A 270 -1.44 8.02 -12.63
N SER A 271 -2.07 9.18 -12.49
CA SER A 271 -3.28 9.45 -13.24
C SER A 271 -2.98 9.71 -14.71
N MET A 272 -1.91 10.47 -15.00
CA MET A 272 -1.49 10.68 -16.38
C MET A 272 -1.21 9.35 -17.06
N ILE A 273 -0.35 8.53 -16.45
CA ILE A 273 -0.12 7.19 -16.98
C ILE A 273 -1.45 6.51 -17.25
N GLY A 274 -2.41 6.68 -16.33
CA GLY A 274 -3.72 6.10 -16.53
C GLY A 274 -4.40 6.61 -17.77
N ASP A 275 -4.26 7.91 -18.04
CA ASP A 275 -4.88 8.50 -19.24
C ASP A 275 -4.11 8.17 -20.50
N TRP A 276 -2.78 8.03 -20.43
CA TRP A 276 -2.03 7.58 -21.60
C TRP A 276 -2.50 6.20 -22.04
N LEU A 277 -2.72 5.30 -21.09
CA LEU A 277 -3.26 3.98 -21.39
C LEU A 277 -4.65 4.09 -22.01
N ARG A 278 -5.41 5.10 -21.62
CA ARG A 278 -6.73 5.31 -22.20
C ARG A 278 -6.62 5.67 -23.68
N VAL A 279 -5.66 6.53 -24.03
CA VAL A 279 -5.44 6.85 -25.44
C VAL A 279 -4.92 5.62 -26.18
N ILE A 280 -3.82 5.05 -25.71
CA ILE A 280 -3.18 3.94 -26.43
C ILE A 280 -4.13 2.77 -26.63
N ALA A 281 -4.90 2.42 -25.58
CA ALA A 281 -5.85 1.30 -25.67
C ALA A 281 -6.85 1.53 -26.77
N LYS A 282 -7.13 2.79 -27.10
CA LYS A 282 -8.01 3.05 -28.21
C LYS A 282 -7.29 2.84 -29.53
N LYS A 283 -6.07 3.37 -29.65
CA LYS A 283 -5.32 3.21 -30.89
C LYS A 283 -5.02 1.74 -31.18
N THR A 284 -4.94 0.88 -30.16
CA THR A 284 -4.75 -0.53 -30.44
C THR A 284 -6.06 -1.23 -30.77
N LYS A 285 -7.17 -0.76 -30.21
CA LYS A 285 -8.46 -1.35 -30.52
C LYS A 285 -8.86 -1.06 -31.96
N GLU A 286 -8.48 0.10 -32.47
CA GLU A 286 -8.79 0.47 -33.84
C GLU A 286 -7.74 -0.03 -34.84
N ALA A 287 -6.48 -0.14 -34.42
CA ALA A 287 -5.50 -0.82 -35.24
C ALA A 287 -5.87 -2.27 -35.47
N VAL A 288 -6.56 -2.90 -34.50
CA VAL A 288 -7.03 -4.27 -34.71
C VAL A 288 -8.21 -4.28 -35.67
N GLY A 289 -8.98 -3.20 -35.71
CA GLY A 289 -10.05 -3.09 -36.69
C GLY A 289 -9.52 -2.90 -38.09
N GLU A 290 -8.53 -2.03 -38.25
CA GLU A 290 -7.80 -1.90 -39.52
C GLU A 290 -7.25 -3.23 -39.98
N PHE A 291 -6.43 -3.88 -39.14
CA PHE A 291 -5.80 -5.13 -39.54
C PHE A 291 -6.81 -6.16 -40.02
N ARG A 292 -7.84 -6.43 -39.20
CA ARG A 292 -8.94 -7.26 -39.67
C ARG A 292 -9.45 -6.75 -41.01
N ALA A 293 -9.64 -5.44 -41.11
CA ALA A 293 -10.37 -4.83 -42.22
C ALA A 293 -9.64 -4.91 -43.56
N HIS A 294 -8.32 -5.04 -43.53
CA HIS A 294 -7.54 -5.24 -44.73
C HIS A 294 -7.24 -6.73 -44.95
N ALA A 295 -7.41 -7.55 -43.93
CA ALA A 295 -7.85 -8.91 -44.21
C ALA A 295 -9.12 -8.87 -45.05
N ALA A 296 -10.05 -7.96 -44.72
CA ALA A 296 -11.41 -8.02 -45.26
C ALA A 296 -11.43 -7.87 -46.78
N GLU A 297 -10.94 -6.75 -47.28
CA GLU A 297 -11.10 -6.43 -48.69
C GLU A 297 -9.94 -6.92 -49.53
N TRP A 298 -8.83 -7.26 -48.87
CA TRP A 298 -7.77 -8.02 -49.53
C TRP A 298 -8.20 -9.46 -49.77
N THR A 299 -9.08 -9.99 -48.93
CA THR A 299 -9.62 -11.35 -49.10
C THR A 299 -10.72 -11.39 -50.15
N ALA A 300 -11.62 -10.40 -50.16
CA ALA A 300 -12.73 -10.37 -51.11
C ALA A 300 -12.19 -10.27 -52.53
N ASN A 301 -10.88 -10.14 -52.68
CA ASN A 301 -10.24 -10.00 -53.98
C ASN A 301 -9.88 -11.40 -54.46
N VAL A 302 -10.84 -12.02 -55.15
CA VAL A 302 -10.73 -13.42 -55.58
C VAL A 302 -10.49 -13.51 -57.09
N SER B 16 -11.66 37.70 -10.14
CA SER B 16 -11.52 37.20 -8.77
C SER B 16 -11.04 35.73 -8.73
N ASP B 17 -9.96 35.45 -9.48
CA ASP B 17 -9.33 34.12 -9.45
C ASP B 17 -8.61 33.87 -8.14
N SER B 18 -7.83 34.85 -7.66
CA SER B 18 -7.16 34.74 -6.37
C SER B 18 -8.15 34.82 -5.22
N ALA B 19 -9.33 35.41 -5.44
CA ALA B 19 -10.33 35.43 -4.38
C ALA B 19 -10.57 34.02 -3.82
N ILE B 20 -10.61 33.00 -4.69
CA ILE B 20 -10.96 31.65 -4.22
C ILE B 20 -9.74 30.86 -3.81
N ASN B 21 -8.58 31.20 -4.37
CA ASN B 21 -7.31 30.59 -4.02
C ASN B 21 -6.84 31.02 -2.63
N VAL B 22 -7.06 32.31 -2.27
CA VAL B 22 -6.87 32.76 -0.90
C VAL B 22 -7.76 31.96 0.03
N MET B 23 -8.99 31.66 -0.41
CA MET B 23 -9.92 30.90 0.42
C MET B 23 -9.55 29.43 0.45
N LYS B 24 -9.06 28.89 -0.66
CA LYS B 24 -8.66 27.48 -0.69
C LYS B 24 -7.55 27.21 0.30
N TRP B 25 -6.44 27.97 0.20
CA TRP B 25 -5.33 27.76 1.11
C TRP B 25 -5.78 27.81 2.56
N LYS B 26 -6.79 28.64 2.85
CA LYS B 26 -7.31 28.73 4.21
C LYS B 26 -7.94 27.41 4.65
N THR B 27 -8.49 26.63 3.71
CA THR B 27 -9.05 25.34 4.05
C THR B 27 -8.00 24.24 4.09
N VAL B 28 -6.98 24.32 3.23
CA VAL B 28 -5.91 23.32 3.23
C VAL B 28 -5.10 23.38 4.51
N SER B 29 -4.88 24.60 5.03
CA SER B 29 -4.04 24.76 6.21
C SER B 29 -4.73 24.25 7.47
N THR B 30 -6.04 24.47 7.57
CA THR B 30 -6.78 23.97 8.74
C THR B 30 -6.93 22.46 8.69
N ILE B 31 -7.06 21.87 7.50
CA ILE B 31 -7.08 20.42 7.41
C ILE B 31 -5.72 19.84 7.78
N PHE B 32 -4.65 20.55 7.43
CA PHE B 32 -3.29 20.12 7.80
C PHE B 32 -3.06 20.18 9.30
N LEU B 33 -3.46 21.28 9.94
CA LEU B 33 -3.33 21.35 11.40
C LEU B 33 -4.20 20.29 12.08
N VAL B 34 -5.31 19.91 11.46
CA VAL B 34 -6.12 18.84 12.03
C VAL B 34 -5.52 17.47 11.73
N VAL B 35 -4.79 17.34 10.61
CA VAL B 35 -4.10 16.08 10.36
C VAL B 35 -2.90 15.96 11.30
N VAL B 36 -2.22 17.08 11.59
CA VAL B 36 -1.12 17.06 12.56
C VAL B 36 -1.63 16.65 13.94
N LEU B 37 -2.82 17.13 14.30
CA LEU B 37 -3.38 16.78 15.59
C LEU B 37 -3.88 15.34 15.63
N TYR B 38 -4.29 14.79 14.48
CA TYR B 38 -4.78 13.41 14.45
C TYR B 38 -3.63 12.42 14.57
N LEU B 39 -2.47 12.75 13.98
CA LEU B 39 -1.25 11.97 14.17
C LEU B 39 -0.77 12.02 15.61
N ILE B 40 -0.90 13.18 16.26
CA ILE B 40 -0.45 13.29 17.64
C ILE B 40 -1.29 12.43 18.57
N ILE B 41 -2.63 12.54 18.45
CA ILE B 41 -3.51 11.76 19.30
C ILE B 41 -3.29 10.27 19.09
N GLY B 42 -3.13 9.85 17.84
CA GLY B 42 -2.87 8.45 17.57
C GLY B 42 -1.50 8.02 18.02
N ALA B 43 -0.49 8.86 17.78
CA ALA B 43 0.87 8.54 18.18
C ALA B 43 0.94 8.19 19.67
N THR B 44 0.25 8.96 20.51
CA THR B 44 0.26 8.71 21.95
C THR B 44 -0.55 7.46 22.32
N VAL B 45 -1.63 7.18 21.58
CA VAL B 45 -2.47 6.04 21.91
C VAL B 45 -1.80 4.72 21.50
N PHE B 46 -0.87 4.76 20.55
CA PHE B 46 -0.22 3.51 20.17
C PHE B 46 0.90 3.15 21.13
N LYS B 47 1.75 4.12 21.49
CA LYS B 47 2.80 3.80 22.46
C LYS B 47 2.22 3.55 23.85
N ALA B 48 1.11 4.20 24.19
CA ALA B 48 0.39 3.82 25.40
C ALA B 48 -0.05 2.36 25.36
N LEU B 49 -0.30 1.83 24.16
CA LEU B 49 -0.74 0.46 23.99
C LEU B 49 0.41 -0.51 23.72
N GLU B 50 1.46 -0.06 23.02
CA GLU B 50 2.53 -0.94 22.55
C GLU B 50 3.85 -0.77 23.29
N GLN B 51 4.13 0.41 23.82
CA GLN B 51 5.36 0.64 24.57
C GLN B 51 5.55 -0.35 25.71
N PRO B 52 4.55 -0.65 26.54
CA PRO B 52 4.73 -1.66 27.60
C PRO B 52 5.13 -3.04 27.10
N GLN B 53 4.31 -3.65 26.24
CA GLN B 53 4.64 -4.99 25.75
C GLN B 53 6.03 -5.03 25.10
N GLU B 54 6.47 -3.93 24.49
CA GLU B 54 7.81 -3.90 23.92
C GLU B 54 8.88 -4.01 25.00
N ILE B 55 8.64 -3.39 26.16
CA ILE B 55 9.62 -3.45 27.24
C ILE B 55 9.59 -4.81 27.92
N SER B 56 8.40 -5.30 28.28
CA SER B 56 8.29 -6.61 28.89
C SER B 56 8.84 -7.71 27.98
N GLN B 57 9.01 -7.43 26.69
CA GLN B 57 9.57 -8.39 25.76
C GLN B 57 11.07 -8.21 25.54
N ARG B 58 11.62 -7.02 25.82
CA ARG B 58 13.06 -6.80 25.76
C ARG B 58 13.78 -7.22 27.04
N THR B 59 13.10 -7.11 28.19
CA THR B 59 13.71 -7.61 29.41
C THR B 59 13.73 -9.14 29.42
N THR B 60 12.66 -9.78 28.93
CA THR B 60 12.61 -11.24 28.88
C THR B 60 13.47 -11.81 27.76
N ILE B 61 13.71 -11.04 26.71
CA ILE B 61 14.59 -11.52 25.64
C ILE B 61 16.05 -11.36 26.03
N VAL B 62 16.37 -10.41 26.93
CA VAL B 62 17.71 -10.35 27.49
C VAL B 62 17.89 -11.45 28.54
N ILE B 63 16.80 -11.88 29.18
CA ILE B 63 16.85 -13.04 30.07
C ILE B 63 17.17 -14.30 29.30
N GLN B 64 16.60 -14.45 28.10
CA GLN B 64 16.96 -15.55 27.22
C GLN B 64 18.34 -15.38 26.60
N ARG B 65 18.84 -14.15 26.53
CA ARG B 65 20.18 -13.92 25.99
C ARG B 65 21.25 -14.46 26.93
N GLU B 66 21.18 -14.10 28.20
CA GLU B 66 22.21 -14.48 29.15
C GLU B 66 22.22 -15.98 29.40
N LYS B 67 21.05 -16.62 29.40
CA LYS B 67 20.99 -18.05 29.69
C LYS B 67 21.78 -18.88 28.68
N PHE B 68 22.19 -18.28 27.57
CA PHE B 68 23.19 -18.88 26.68
C PHE B 68 24.40 -17.98 26.43
N LEU B 69 24.39 -16.73 26.92
CA LEU B 69 25.59 -15.91 26.88
C LEU B 69 26.71 -16.59 27.65
N ARG B 70 26.44 -17.02 28.88
CA ARG B 70 27.42 -17.70 29.71
C ARG B 70 27.17 -19.20 29.82
N ALA B 71 26.16 -19.73 29.11
CA ALA B 71 26.00 -21.18 29.02
C ALA B 71 26.98 -21.80 28.03
N HIS B 72 27.59 -21.00 27.17
CA HIS B 72 28.60 -21.48 26.21
C HIS B 72 29.69 -20.42 26.12
N PRO B 73 30.60 -20.36 27.11
CA PRO B 73 31.64 -19.33 27.10
C PRO B 73 32.66 -19.49 25.99
N CYS B 74 32.78 -20.69 25.42
CA CYS B 74 33.76 -21.00 24.37
C CYS B 74 33.34 -20.52 22.98
N VAL B 75 32.35 -19.63 22.91
CA VAL B 75 32.04 -18.90 21.70
C VAL B 75 32.67 -17.52 21.80
N SER B 76 32.90 -16.90 20.65
CA SER B 76 33.46 -15.55 20.64
C SER B 76 32.62 -14.61 21.50
N ASP B 77 31.30 -14.75 21.45
CA ASP B 77 30.36 -14.00 22.28
C ASP B 77 30.22 -12.56 21.79
N GLN B 78 31.07 -12.14 20.85
CA GLN B 78 30.82 -10.96 20.04
C GLN B 78 30.20 -11.34 18.70
N GLU B 79 30.67 -12.44 18.12
CA GLU B 79 30.06 -13.04 16.95
C GLU B 79 28.67 -13.58 17.28
N LEU B 80 28.35 -13.75 18.55
CA LEU B 80 26.99 -14.13 18.95
C LEU B 80 26.00 -13.06 18.52
N ASP B 81 26.21 -11.82 18.95
CA ASP B 81 25.38 -10.72 18.47
C ASP B 81 25.64 -10.42 17.00
N GLU B 82 26.77 -10.91 16.45
CA GLU B 82 27.00 -10.79 15.02
C GLU B 82 26.34 -11.93 14.25
N LEU B 83 26.23 -13.13 14.87
CA LEU B 83 25.49 -14.21 14.26
C LEU B 83 24.04 -13.81 14.01
N ILE B 84 23.40 -13.24 15.02
CA ILE B 84 21.99 -12.88 14.89
C ILE B 84 21.79 -11.92 13.72
N GLN B 85 22.73 -10.99 13.53
CA GLN B 85 22.67 -10.11 12.36
C GLN B 85 22.62 -10.91 11.07
N GLN B 86 23.43 -11.98 10.98
CA GLN B 86 23.44 -12.78 9.77
C GLN B 86 22.11 -13.51 9.56
N ILE B 87 21.37 -13.77 10.63
CA ILE B 87 20.08 -14.45 10.53
C ILE B 87 18.98 -13.47 10.17
N VAL B 88 18.83 -12.42 10.98
CA VAL B 88 17.80 -11.42 10.73
C VAL B 88 18.01 -10.79 9.35
N ALA B 89 19.25 -10.36 9.07
CA ALA B 89 19.54 -9.78 7.76
C ALA B 89 19.19 -10.75 6.63
N ALA B 90 19.37 -12.05 6.86
CA ALA B 90 19.05 -13.07 5.87
C ALA B 90 17.61 -13.55 5.95
N ILE B 91 16.88 -13.21 7.01
CA ILE B 91 15.49 -13.64 7.11
C ILE B 91 14.54 -12.76 6.29
N ASN B 92 14.92 -11.50 6.05
CA ASN B 92 14.06 -10.60 5.27
C ASN B 92 13.66 -11.22 3.94
N ALA B 93 14.57 -11.94 3.30
CA ALA B 93 14.24 -12.64 2.07
C ALA B 93 13.42 -13.90 2.31
N GLY B 94 13.47 -14.43 3.53
CA GLY B 94 12.73 -15.64 3.86
C GLY B 94 13.65 -16.84 3.87
N ILE B 95 14.10 -17.25 5.04
CA ILE B 95 15.08 -18.33 5.17
C ILE B 95 14.64 -19.25 6.30
N ILE B 96 14.77 -20.55 6.06
CA ILE B 96 14.44 -21.56 7.06
C ILE B 96 15.74 -22.22 7.49
N PRO B 97 16.63 -21.51 8.19
CA PRO B 97 17.92 -22.10 8.56
C PRO B 97 17.79 -23.14 9.66
N LEU B 98 17.36 -24.35 9.29
CA LEU B 98 17.28 -25.46 10.23
C LEU B 98 17.83 -26.72 9.58
N GLY B 99 18.34 -27.63 10.41
CA GLY B 99 18.89 -28.88 9.90
C GLY B 99 17.85 -29.95 9.66
N ALA B 100 16.79 -29.97 10.47
CA ALA B 100 15.70 -30.93 10.29
C ALA B 100 14.81 -30.59 9.10
N SER B 101 14.96 -29.40 8.51
CA SER B 101 14.18 -28.95 7.36
C SER B 101 15.09 -28.36 6.30
N SER B 102 16.17 -29.08 5.95
CA SER B 102 17.10 -28.59 4.95
C SER B 102 16.42 -28.40 3.59
N ASN B 103 15.45 -29.27 3.27
CA ASN B 103 14.62 -29.02 2.10
C ASN B 103 13.66 -27.87 2.38
N GLN B 104 13.45 -27.02 1.37
CA GLN B 104 12.86 -25.72 1.61
C GLN B 104 11.97 -25.33 0.43
N VAL B 105 10.79 -24.78 0.73
CA VAL B 105 9.86 -24.33 -0.30
C VAL B 105 10.27 -22.94 -0.79
N SER B 106 9.99 -22.66 -2.07
CA SER B 106 10.43 -21.43 -2.71
C SER B 106 9.43 -20.29 -2.47
N HIS B 107 9.98 -19.06 -2.44
CA HIS B 107 9.18 -17.85 -2.31
C HIS B 107 8.94 -17.14 -3.64
N TRP B 108 9.72 -17.46 -4.67
CA TRP B 108 9.62 -16.84 -5.98
C TRP B 108 9.21 -17.85 -7.05
N ASP B 109 8.40 -18.83 -6.66
CA ASP B 109 7.94 -19.86 -7.59
C ASP B 109 6.85 -19.29 -8.47
N LEU B 110 6.16 -20.16 -9.22
CA LEU B 110 5.14 -19.71 -10.16
C LEU B 110 4.02 -18.95 -9.45
N GLY B 111 3.57 -19.45 -8.30
CA GLY B 111 2.42 -18.87 -7.63
C GLY B 111 2.71 -17.70 -6.71
N SER B 112 3.89 -17.69 -6.11
CA SER B 112 4.23 -16.62 -5.17
C SER B 112 4.70 -15.36 -5.88
N SER B 113 5.30 -15.48 -7.07
CA SER B 113 5.62 -14.30 -7.85
C SER B 113 4.41 -13.75 -8.61
N PHE B 114 3.38 -14.58 -8.81
CA PHE B 114 2.09 -14.07 -9.27
C PHE B 114 1.40 -13.28 -8.15
N PHE B 115 1.38 -13.84 -6.94
CA PHE B 115 1.00 -13.08 -5.74
C PHE B 115 1.71 -11.73 -5.69
N PHE B 116 3.04 -11.74 -5.76
CA PHE B 116 3.82 -10.51 -5.62
C PHE B 116 3.35 -9.43 -6.59
N ALA B 117 3.22 -9.78 -7.87
CA ALA B 117 2.71 -8.82 -8.84
C ALA B 117 1.39 -8.22 -8.38
N GLY B 118 0.52 -9.05 -7.80
CA GLY B 118 -0.75 -8.55 -7.30
C GLY B 118 -0.57 -7.52 -6.21
N THR B 119 0.34 -7.78 -5.27
CA THR B 119 0.60 -6.84 -4.17
C THR B 119 1.26 -5.56 -4.65
N VAL B 120 1.67 -5.48 -5.90
CA VAL B 120 2.28 -4.26 -6.43
C VAL B 120 1.19 -3.40 -7.04
N ILE B 121 0.49 -3.92 -8.05
CA ILE B 121 -0.48 -3.11 -8.76
C ILE B 121 -1.62 -2.67 -7.86
N THR B 122 -1.88 -3.40 -6.78
CA THR B 122 -2.92 -3.02 -5.82
C THR B 122 -2.38 -2.19 -4.66
N THR B 123 -1.10 -1.80 -4.68
CA THR B 123 -0.44 -0.97 -3.66
C THR B 123 -0.68 -1.48 -2.24
N ILE B 124 -1.07 -2.75 -2.08
CA ILE B 124 -1.06 -3.35 -0.76
C ILE B 124 0.37 -3.46 -0.24
N GLY B 125 1.25 -4.05 -1.05
CA GLY B 125 2.65 -4.19 -0.68
C GLY B 125 2.87 -4.77 0.70
N PHE B 126 2.44 -6.02 0.91
CA PHE B 126 2.68 -6.66 2.21
C PHE B 126 4.16 -6.64 2.56
N GLY B 127 5.03 -6.91 1.59
CA GLY B 127 6.46 -6.79 1.79
C GLY B 127 7.17 -8.05 2.25
N ASN B 128 6.43 -9.06 2.73
CA ASN B 128 7.03 -10.33 3.13
C ASN B 128 7.98 -10.88 2.06
N ILE B 129 7.64 -10.69 0.78
CA ILE B 129 8.46 -11.10 -0.35
C ILE B 129 8.64 -9.87 -1.23
N SER B 130 9.87 -9.40 -1.34
CA SER B 130 10.17 -8.23 -2.15
C SER B 130 11.43 -8.53 -2.96
N PRO B 131 11.67 -7.77 -4.03
CA PRO B 131 12.83 -8.06 -4.88
C PRO B 131 14.14 -7.76 -4.17
N ARG B 132 15.13 -8.61 -4.42
CA ARG B 132 16.51 -8.40 -3.96
C ARG B 132 17.47 -8.05 -5.09
N THR B 133 17.17 -8.48 -6.32
CA THR B 133 18.02 -8.21 -7.47
C THR B 133 17.80 -6.78 -7.96
N GLU B 134 18.89 -6.11 -8.35
CA GLU B 134 18.78 -4.80 -8.97
C GLU B 134 17.82 -4.82 -10.15
N GLY B 135 17.78 -5.95 -10.87
CA GLY B 135 16.80 -6.07 -11.94
C GLY B 135 15.39 -6.20 -11.42
N GLY B 136 15.20 -7.07 -10.43
CA GLY B 136 13.89 -7.16 -9.80
C GLY B 136 13.39 -5.80 -9.36
N LYS B 137 14.27 -4.99 -8.77
CA LYS B 137 13.91 -3.64 -8.35
C LYS B 137 13.57 -2.77 -9.55
N ILE B 138 14.42 -2.78 -10.57
CA ILE B 138 14.19 -1.92 -11.73
C ILE B 138 12.91 -2.31 -12.44
N PHE B 139 12.67 -3.62 -12.61
CA PHE B 139 11.43 -4.07 -13.23
C PHE B 139 10.24 -3.75 -12.34
N CYS B 140 10.42 -3.86 -11.02
CA CYS B 140 9.34 -3.58 -10.09
C CYS B 140 8.90 -2.11 -10.19
N ILE B 141 9.84 -1.20 -10.35
CA ILE B 141 9.50 0.20 -10.49
C ILE B 141 8.72 0.45 -11.78
N ILE B 142 9.15 -0.18 -12.88
CA ILE B 142 8.40 -0.07 -14.14
C ILE B 142 7.05 -0.75 -13.99
N TYR B 143 7.03 -1.91 -13.33
CA TYR B 143 5.81 -2.70 -13.27
C TYR B 143 4.71 -1.93 -12.52
N ALA B 144 5.09 -1.22 -11.46
CA ALA B 144 4.10 -0.48 -10.68
C ALA B 144 3.64 0.77 -11.40
N LEU B 145 4.58 1.50 -12.02
CA LEU B 145 4.25 2.75 -12.70
C LEU B 145 3.27 2.55 -13.84
N LEU B 146 3.25 1.35 -14.42
CA LEU B 146 2.23 0.98 -15.39
C LEU B 146 1.08 0.22 -14.74
N GLY B 147 1.41 -0.80 -13.94
CA GLY B 147 0.40 -1.71 -13.44
C GLY B 147 -0.59 -1.07 -12.48
N ILE B 148 -0.16 -0.09 -11.71
CA ILE B 148 -1.05 0.59 -10.78
C ILE B 148 -2.16 1.29 -11.56
N PRO B 149 -1.84 2.18 -12.51
CA PRO B 149 -2.91 2.75 -13.34
C PRO B 149 -3.78 1.69 -14.02
N LEU B 150 -3.15 0.68 -14.61
CA LEU B 150 -3.91 -0.37 -15.30
C LEU B 150 -4.95 -0.99 -14.37
N PHE B 151 -4.50 -1.54 -13.25
CA PHE B 151 -5.42 -2.08 -12.25
C PHE B 151 -6.42 -1.04 -11.78
N GLY B 152 -6.16 0.24 -12.03
CA GLY B 152 -7.11 1.26 -11.68
C GLY B 152 -8.42 1.10 -12.43
N PHE B 153 -8.34 0.81 -13.73
CA PHE B 153 -9.55 0.65 -14.52
C PHE B 153 -10.32 -0.60 -14.11
N LEU B 154 -9.63 -1.73 -13.92
CA LEU B 154 -10.29 -2.95 -13.48
C LEU B 154 -11.09 -2.73 -12.20
N LEU B 155 -10.43 -2.21 -11.17
CA LEU B 155 -11.13 -1.94 -9.91
C LEU B 155 -12.31 -1.01 -10.12
N ALA B 156 -12.21 -0.07 -11.07
CA ALA B 156 -13.32 0.84 -11.34
C ALA B 156 -14.47 0.10 -12.01
N GLY B 157 -14.17 -0.70 -13.03
CA GLY B 157 -15.21 -1.53 -13.64
C GLY B 157 -15.83 -2.48 -12.64
N VAL B 158 -15.00 -3.08 -11.77
CA VAL B 158 -15.54 -3.95 -10.72
C VAL B 158 -16.33 -3.16 -9.69
N GLY B 159 -16.06 -1.85 -9.59
CA GLY B 159 -16.91 -1.02 -8.75
C GLY B 159 -18.25 -0.77 -9.40
N ASP B 160 -18.24 -0.42 -10.69
CA ASP B 160 -19.48 -0.20 -11.43
C ASP B 160 -20.38 -1.42 -11.36
N GLN B 161 -19.94 -2.53 -11.94
CA GLN B 161 -20.70 -3.78 -11.91
C GLN B 161 -21.28 -4.03 -10.53
N LEU B 162 -20.41 -4.17 -9.53
CA LEU B 162 -20.86 -4.36 -8.17
C LEU B 162 -21.84 -3.28 -7.75
N GLY B 163 -21.67 -2.06 -8.27
CA GLY B 163 -22.61 -0.99 -7.94
C GLY B 163 -23.99 -1.22 -8.53
N THR B 164 -24.05 -1.61 -9.82
CA THR B 164 -25.33 -1.81 -10.48
C THR B 164 -26.07 -3.03 -9.93
N ILE B 165 -25.33 -4.09 -9.57
CA ILE B 165 -25.96 -5.24 -8.93
C ILE B 165 -26.68 -4.83 -7.66
N PHE B 166 -26.26 -3.72 -7.04
CA PHE B 166 -26.95 -3.17 -5.87
C PHE B 166 -28.10 -2.24 -6.25
N GLY B 167 -27.97 -1.52 -7.36
CA GLY B 167 -29.09 -0.71 -7.82
C GLY B 167 -30.30 -1.56 -8.17
N LYS B 168 -30.06 -2.76 -8.70
CA LYS B 168 -31.14 -3.70 -8.94
C LYS B 168 -31.74 -4.24 -7.65
N GLY B 169 -30.90 -4.45 -6.63
CA GLY B 169 -31.42 -4.96 -5.36
C GLY B 169 -32.21 -3.93 -4.58
N ILE B 170 -31.80 -2.65 -4.67
CA ILE B 170 -32.54 -1.61 -3.94
C ILE B 170 -33.79 -1.19 -4.69
N ALA B 171 -33.82 -1.36 -6.01
CA ALA B 171 -35.06 -1.13 -6.74
C ALA B 171 -36.17 -2.06 -6.28
N LYS B 172 -35.81 -3.18 -5.64
CA LYS B 172 -36.78 -4.12 -5.10
C LYS B 172 -37.03 -3.93 -3.62
N VAL B 173 -36.07 -3.38 -2.88
CA VAL B 173 -36.24 -3.10 -1.46
C VAL B 173 -36.86 -1.74 -1.22
N GLU B 174 -36.75 -0.80 -2.16
CA GLU B 174 -37.34 0.52 -2.05
C GLU B 174 -38.75 0.59 -2.64
N ASP B 175 -39.35 -0.55 -2.94
CA ASP B 175 -40.74 -0.61 -3.38
C ASP B 175 -41.64 -1.37 -2.42
N THR B 176 -41.08 -2.31 -1.64
CA THR B 176 -41.87 -3.05 -0.66
C THR B 176 -42.07 -2.24 0.62
N PHE B 177 -41.06 -1.46 1.03
CA PHE B 177 -41.14 -0.61 2.20
C PHE B 177 -41.84 0.72 1.91
N ILE B 178 -42.45 0.88 0.73
CA ILE B 178 -43.17 2.10 0.39
C ILE B 178 -44.55 2.05 1.02
N LYS B 179 -44.67 2.60 2.23
CA LYS B 179 -45.92 2.62 2.99
C LYS B 179 -46.36 4.07 3.15
N TRP B 180 -47.38 4.28 3.98
CA TRP B 180 -47.93 5.62 4.16
C TRP B 180 -46.85 6.53 4.76
N ASN B 181 -46.82 7.78 4.32
CA ASN B 181 -45.89 8.77 4.85
C ASN B 181 -44.44 8.37 4.56
N VAL B 182 -44.12 8.26 3.27
CA VAL B 182 -42.76 7.98 2.82
C VAL B 182 -42.15 9.26 2.27
N SER B 183 -40.82 9.32 2.28
CA SER B 183 -40.08 10.49 1.83
C SER B 183 -38.96 10.06 0.89
N GLN B 184 -38.43 11.03 0.14
CA GLN B 184 -37.43 10.74 -0.87
C GLN B 184 -36.02 10.70 -0.27
N THR B 185 -35.67 11.71 0.52
CA THR B 185 -34.31 11.82 1.02
C THR B 185 -34.06 10.97 2.26
N LYS B 186 -35.11 10.68 3.04
CA LYS B 186 -34.91 9.87 4.25
C LYS B 186 -34.69 8.40 3.92
N ILE B 187 -35.31 7.90 2.85
CA ILE B 187 -35.18 6.48 2.51
C ILE B 187 -33.77 6.12 2.08
N ARG B 188 -32.96 7.11 1.67
CA ARG B 188 -31.55 6.82 1.41
C ARG B 188 -30.83 6.37 2.68
N ILE B 189 -31.29 6.82 3.84
CA ILE B 189 -30.73 6.35 5.11
C ILE B 189 -30.89 4.84 5.22
N ILE B 190 -32.07 4.32 4.88
CA ILE B 190 -32.28 2.88 4.90
C ILE B 190 -31.34 2.19 3.91
N SER B 191 -31.13 2.80 2.75
CA SER B 191 -30.25 2.23 1.75
C SER B 191 -28.83 2.08 2.28
N THR B 192 -28.22 3.19 2.69
CA THR B 192 -26.84 3.17 3.16
C THR B 192 -26.63 2.18 4.30
N ILE B 193 -27.68 1.87 5.05
CA ILE B 193 -27.54 0.91 6.16
C ILE B 193 -27.37 -0.50 5.62
N ILE B 194 -28.19 -0.87 4.62
CA ILE B 194 -28.10 -2.20 4.05
C ILE B 194 -26.78 -2.39 3.32
N PHE B 195 -26.23 -1.30 2.75
CA PHE B 195 -24.92 -1.37 2.11
C PHE B 195 -23.83 -1.68 3.13
N ILE B 196 -23.90 -1.06 4.31
CA ILE B 196 -22.90 -1.30 5.34
C ILE B 196 -23.11 -2.68 5.95
N LEU B 197 -24.36 -3.11 6.09
CA LEU B 197 -24.64 -4.39 6.73
C LEU B 197 -24.30 -5.56 5.81
N PHE B 198 -24.94 -5.63 4.63
CA PHE B 198 -24.63 -6.70 3.70
C PHE B 198 -23.17 -6.66 3.26
N GLY B 199 -22.64 -5.46 3.00
CA GLY B 199 -21.25 -5.31 2.64
C GLY B 199 -20.33 -5.96 3.67
N CYS B 200 -20.44 -5.52 4.92
CA CYS B 200 -19.57 -6.04 5.97
C CYS B 200 -19.74 -7.54 6.20
N VAL B 201 -20.77 -8.16 5.62
CA VAL B 201 -20.95 -9.60 5.76
C VAL B 201 -20.14 -10.34 4.71
N LEU B 202 -20.33 -9.98 3.43
CA LEU B 202 -19.68 -10.71 2.36
C LEU B 202 -18.20 -10.40 2.27
N PHE B 203 -17.82 -9.17 2.57
CA PHE B 203 -16.45 -8.75 2.33
C PHE B 203 -15.62 -8.70 3.60
N VAL B 204 -16.25 -8.70 4.76
CA VAL B 204 -15.53 -8.62 6.02
C VAL B 204 -15.82 -9.85 6.88
N ALA B 205 -17.09 -10.03 7.24
CA ALA B 205 -17.46 -11.09 8.17
C ALA B 205 -17.21 -12.47 7.57
N LEU B 206 -17.85 -12.77 6.43
CA LEU B 206 -17.71 -14.08 5.82
C LEU B 206 -16.25 -14.43 5.50
N PRO B 207 -15.46 -13.58 4.85
CA PRO B 207 -14.07 -13.97 4.56
C PRO B 207 -13.18 -14.02 5.80
N ALA B 208 -13.47 -13.22 6.83
CA ALA B 208 -12.68 -13.28 8.05
C ALA B 208 -12.88 -14.60 8.77
N VAL B 209 -14.02 -15.25 8.59
CA VAL B 209 -14.24 -16.56 9.19
C VAL B 209 -13.38 -17.62 8.52
N ILE B 210 -13.46 -17.70 7.19
CA ILE B 210 -12.65 -18.66 6.43
C ILE B 210 -11.17 -18.48 6.77
N PHE B 211 -10.74 -17.24 7.00
CA PHE B 211 -9.36 -16.98 7.40
C PHE B 211 -9.06 -17.59 8.76
N LYS B 212 -9.92 -17.31 9.75
CA LYS B 212 -9.72 -17.85 11.09
C LYS B 212 -9.50 -19.37 11.06
N HIS B 213 -10.29 -20.08 10.24
CA HIS B 213 -10.22 -21.53 10.21
C HIS B 213 -9.16 -22.07 9.27
N ILE B 214 -8.89 -21.40 8.16
CA ILE B 214 -7.91 -21.93 7.21
C ILE B 214 -6.50 -21.53 7.58
N GLU B 215 -6.31 -20.30 8.07
CA GLU B 215 -4.99 -19.82 8.44
C GLU B 215 -4.67 -20.06 9.91
N GLY B 216 -5.64 -20.45 10.72
CA GLY B 216 -5.45 -20.60 12.14
C GLY B 216 -5.52 -19.32 12.94
N TRP B 217 -5.76 -18.18 12.29
CA TRP B 217 -5.73 -16.89 12.96
C TRP B 217 -6.84 -16.82 14.02
N SER B 218 -6.75 -15.80 14.88
CA SER B 218 -7.82 -15.52 15.81
C SER B 218 -8.92 -14.73 15.11
N ALA B 219 -10.06 -14.61 15.80
CA ALA B 219 -11.16 -13.80 15.27
C ALA B 219 -10.71 -12.38 15.00
N LEU B 220 -10.00 -11.77 15.96
CA LEU B 220 -9.54 -10.40 15.77
C LEU B 220 -8.46 -10.33 14.70
N ASP B 221 -7.57 -11.31 14.66
CA ASP B 221 -6.47 -11.27 13.70
C ASP B 221 -6.96 -11.36 12.27
N ALA B 222 -8.04 -12.12 12.02
CA ALA B 222 -8.59 -12.25 10.68
C ALA B 222 -9.27 -10.96 10.23
N ILE B 223 -10.03 -10.33 11.13
CA ILE B 223 -10.63 -9.03 10.82
C ILE B 223 -9.56 -7.99 10.58
N TYR B 224 -8.58 -7.93 11.46
CA TYR B 224 -7.45 -7.02 11.32
C TYR B 224 -6.75 -7.21 9.97
N PHE B 225 -6.54 -8.46 9.56
CA PHE B 225 -6.01 -8.71 8.23
C PHE B 225 -6.91 -8.12 7.15
N VAL B 226 -8.23 -8.35 7.26
CA VAL B 226 -9.13 -7.88 6.23
C VAL B 226 -9.01 -6.37 6.07
N VAL B 227 -9.07 -5.64 7.17
CA VAL B 227 -9.04 -4.18 7.11
C VAL B 227 -7.69 -3.70 6.61
N ILE B 228 -6.61 -4.21 7.20
CA ILE B 228 -5.28 -3.80 6.77
C ILE B 228 -5.08 -4.10 5.28
N THR B 229 -5.64 -5.21 4.80
CA THR B 229 -5.42 -5.60 3.41
C THR B 229 -6.30 -4.79 2.45
N LEU B 230 -7.58 -4.65 2.76
CA LEU B 230 -8.51 -4.04 1.81
C LEU B 230 -8.45 -2.51 1.80
N THR B 231 -7.80 -1.90 2.79
CA THR B 231 -7.46 -0.48 2.76
C THR B 231 -6.14 -0.20 2.06
N THR B 232 -5.45 -1.24 1.57
CA THR B 232 -4.16 -1.18 0.88
C THR B 232 -3.03 -0.68 1.78
N ILE B 233 -3.23 -0.62 3.09
CA ILE B 233 -2.10 -0.41 3.98
C ILE B 233 -1.12 -1.56 3.85
N GLY B 234 -1.62 -2.80 4.04
CA GLY B 234 -0.80 -3.98 3.88
C GLY B 234 0.51 -3.94 4.63
N PHE B 235 0.46 -3.97 5.96
CA PHE B 235 1.70 -4.09 6.72
C PHE B 235 2.47 -5.34 6.30
N GLY B 236 1.78 -6.47 6.15
CA GLY B 236 2.40 -7.73 5.88
C GLY B 236 2.62 -8.61 7.09
N ASP B 237 2.31 -8.13 8.29
CA ASP B 237 2.46 -8.97 9.47
C ASP B 237 1.56 -10.19 9.41
N TYR B 238 0.36 -10.06 8.83
CA TYR B 238 -0.47 -11.20 8.50
C TYR B 238 -0.71 -11.23 7.00
N VAL B 239 -0.69 -12.43 6.42
CA VAL B 239 -0.88 -12.60 4.99
C VAL B 239 -1.60 -13.92 4.73
N ALA B 240 -2.67 -13.86 3.93
CA ALA B 240 -3.45 -15.05 3.61
C ALA B 240 -2.68 -15.92 2.62
N GLY B 241 -2.46 -17.18 2.98
CA GLY B 241 -1.66 -18.05 2.17
C GLY B 241 -0.17 -17.97 2.42
N GLY B 242 0.26 -17.37 3.54
CA GLY B 242 1.67 -17.16 3.80
C GLY B 242 2.43 -18.39 4.26
N SER B 243 1.85 -19.16 5.17
CA SER B 243 2.49 -20.36 5.67
C SER B 243 2.33 -21.50 4.65
N ASP B 244 2.86 -22.68 5.00
CA ASP B 244 2.94 -23.80 4.07
C ASP B 244 1.85 -24.83 4.28
N ILE B 245 0.78 -24.49 5.00
CA ILE B 245 0.04 -25.54 5.70
C ILE B 245 -0.48 -26.61 4.75
N GLU B 246 -1.57 -26.34 4.02
CA GLU B 246 -1.95 -27.21 2.91
C GLU B 246 -2.55 -26.47 1.72
N TYR B 247 -3.46 -25.52 1.97
CA TYR B 247 -3.99 -24.67 0.91
C TYR B 247 -4.68 -25.43 -0.21
N LEU B 248 -5.91 -25.89 0.03
CA LEU B 248 -6.72 -26.66 -0.91
C LEU B 248 -6.55 -26.19 -2.35
N ASP B 249 -6.23 -24.91 -2.54
CA ASP B 249 -6.04 -24.22 -3.81
C ASP B 249 -7.38 -23.92 -4.46
N PHE B 250 -8.48 -24.43 -3.91
CA PHE B 250 -9.74 -23.68 -3.92
C PHE B 250 -9.64 -22.44 -3.05
N TYR B 251 -8.63 -22.37 -2.18
CA TYR B 251 -8.49 -21.26 -1.25
C TYR B 251 -7.92 -20.01 -1.93
N LYS B 252 -6.70 -20.11 -2.45
CA LYS B 252 -6.04 -18.91 -2.96
C LYS B 252 -6.81 -18.26 -4.10
N PRO B 253 -7.31 -18.98 -5.10
CA PRO B 253 -8.02 -18.30 -6.19
C PRO B 253 -9.27 -17.58 -5.71
N VAL B 254 -9.94 -18.11 -4.69
CA VAL B 254 -11.07 -17.38 -4.10
C VAL B 254 -10.58 -16.09 -3.45
N VAL B 255 -9.37 -16.09 -2.89
CA VAL B 255 -8.88 -14.88 -2.21
C VAL B 255 -8.59 -13.79 -3.23
N TRP B 256 -8.02 -14.16 -4.38
CA TRP B 256 -7.87 -13.20 -5.47
C TRP B 256 -9.18 -12.49 -5.77
N PHE B 257 -10.27 -13.24 -5.85
CA PHE B 257 -11.56 -12.63 -6.15
C PHE B 257 -12.02 -11.72 -5.02
N TRP B 258 -11.90 -12.20 -3.77
CA TRP B 258 -12.19 -11.37 -2.60
C TRP B 258 -11.45 -10.03 -2.65
N ILE B 259 -10.17 -10.07 -2.97
CA ILE B 259 -9.39 -8.84 -3.11
C ILE B 259 -9.98 -7.97 -4.20
N LEU B 260 -10.30 -8.56 -5.35
CA LEU B 260 -10.82 -7.77 -6.47
C LEU B 260 -12.12 -7.07 -6.10
N VAL B 261 -13.01 -7.76 -5.41
CA VAL B 261 -14.28 -7.13 -5.07
C VAL B 261 -14.21 -6.46 -3.70
N GLY B 262 -13.43 -7.01 -2.79
CA GLY B 262 -13.27 -6.40 -1.48
C GLY B 262 -12.64 -5.02 -1.53
N LEU B 263 -11.66 -4.84 -2.43
CA LEU B 263 -11.12 -3.50 -2.64
C LEU B 263 -12.18 -2.57 -3.20
N ALA B 264 -12.91 -3.02 -4.24
CA ALA B 264 -14.01 -2.22 -4.76
C ALA B 264 -14.92 -1.73 -3.65
N TYR B 265 -15.20 -2.61 -2.68
CA TYR B 265 -16.10 -2.25 -1.60
C TYR B 265 -15.52 -1.13 -0.73
N PHE B 266 -14.38 -1.38 -0.08
CA PHE B 266 -13.78 -0.35 0.77
C PHE B 266 -13.58 0.97 0.03
N ALA B 267 -13.38 0.92 -1.29
CA ALA B 267 -13.22 2.16 -2.04
C ALA B 267 -14.43 3.07 -1.84
N ALA B 268 -15.64 2.51 -1.96
CA ALA B 268 -16.84 3.29 -1.73
C ALA B 268 -17.03 3.58 -0.24
N VAL B 269 -16.82 2.55 0.61
CA VAL B 269 -16.97 2.72 2.06
C VAL B 269 -16.10 3.87 2.56
N LEU B 270 -14.78 3.77 2.34
CA LEU B 270 -13.89 4.87 2.67
C LEU B 270 -14.41 6.19 2.10
N SER B 271 -14.81 6.17 0.83
CA SER B 271 -15.29 7.40 0.21
C SER B 271 -16.52 7.92 0.94
N MET B 272 -17.40 7.03 1.39
CA MET B 272 -18.54 7.44 2.21
C MET B 272 -18.07 8.10 3.50
N ILE B 273 -17.26 7.37 4.28
CA ILE B 273 -16.75 7.89 5.55
C ILE B 273 -16.26 9.32 5.38
N GLY B 274 -15.64 9.63 4.25
CA GLY B 274 -15.18 10.98 4.01
C GLY B 274 -16.32 11.99 3.90
N ASP B 275 -17.42 11.59 3.26
CA ASP B 275 -18.58 12.47 3.16
C ASP B 275 -19.16 12.75 4.54
N TRP B 276 -19.29 11.71 5.37
CA TRP B 276 -19.67 11.93 6.76
C TRP B 276 -18.73 12.92 7.41
N LEU B 277 -17.46 12.95 6.98
CA LEU B 277 -16.49 13.87 7.55
C LEU B 277 -16.63 15.30 7.02
N ARG B 278 -17.10 15.50 5.77
CA ARG B 278 -17.40 16.88 5.37
C ARG B 278 -18.61 17.39 6.14
N VAL B 279 -19.57 16.50 6.38
CA VAL B 279 -20.83 16.91 7.01
C VAL B 279 -20.59 17.24 8.47
N ILE B 280 -20.03 16.29 9.22
CA ILE B 280 -19.61 16.57 10.59
C ILE B 280 -18.68 17.76 10.63
N ALA B 281 -18.03 18.00 9.50
CA ALA B 281 -17.24 19.20 9.35
C ALA B 281 -18.13 20.43 9.14
N LYS B 282 -19.24 20.31 8.39
CA LYS B 282 -20.12 21.45 8.19
C LYS B 282 -20.90 21.75 9.46
N LYS B 283 -21.50 20.71 10.06
CA LYS B 283 -22.31 20.92 11.25
C LYS B 283 -21.48 21.38 12.42
N THR B 284 -20.17 21.11 12.43
CA THR B 284 -19.33 21.66 13.50
C THR B 284 -18.85 23.07 13.18
N LYS B 285 -18.67 23.40 11.91
CA LYS B 285 -18.28 24.76 11.55
C LYS B 285 -19.40 25.75 11.84
N GLU B 286 -20.65 25.32 11.69
CA GLU B 286 -21.78 26.19 11.97
C GLU B 286 -22.18 26.14 13.44
N ALA B 287 -21.93 25.02 14.12
CA ALA B 287 -22.13 24.99 15.57
C ALA B 287 -21.15 25.91 16.26
N VAL B 288 -19.98 26.13 15.67
CA VAL B 288 -19.06 27.12 16.24
C VAL B 288 -19.53 28.54 15.94
N GLY B 289 -20.26 28.74 14.83
CA GLY B 289 -20.85 30.04 14.57
C GLY B 289 -21.98 30.34 15.54
N GLU B 290 -22.85 29.36 15.77
CA GLU B 290 -23.89 29.48 16.80
C GLU B 290 -23.26 29.82 18.16
N PHE B 291 -22.29 29.02 18.59
CA PHE B 291 -21.74 29.21 19.93
C PHE B 291 -21.15 30.61 20.11
N ARG B 292 -20.25 31.00 19.21
CA ARG B 292 -19.84 32.40 19.19
C ARG B 292 -21.07 33.31 19.28
N ALA B 293 -22.08 33.02 18.44
CA ALA B 293 -23.17 33.96 18.18
C ALA B 293 -24.06 34.23 19.39
N HIS B 294 -24.11 33.29 20.34
CA HIS B 294 -24.88 33.42 21.56
C HIS B 294 -23.97 33.61 22.78
N ALA B 295 -23.16 32.58 23.04
CA ALA B 295 -22.01 32.55 23.95
C ALA B 295 -22.33 33.15 25.32
N ALA B 296 -23.13 32.41 26.11
CA ALA B 296 -23.50 32.87 27.44
C ALA B 296 -24.40 34.11 27.35
N GLU B 297 -25.63 33.90 26.88
CA GLU B 297 -26.58 34.98 26.73
C GLU B 297 -26.18 35.90 25.58
K K C . -4.89 5.01 -2.41
K K D . 4.90 -3.61 4.20
K K E . 0.79 -0.12 1.11
C31 R16 F . 20.55 4.05 -10.11
C32 R16 F . 20.01 3.97 -11.54
C33 R16 F . 18.54 3.58 -11.50
C34 R16 F . 17.96 3.63 -12.92
C35 R16 F . 16.44 3.75 -12.86
C36 R16 F . 15.85 3.71 -14.27
C37 R16 F . 14.33 3.79 -14.22
C38 R16 F . 13.75 3.51 -15.61
C28 R16 G . 14.00 14.57 1.09
C29 R16 G . 14.00 16.10 1.10
C30 R16 G . 13.59 16.65 -0.27
C31 R16 G . 12.58 17.78 -0.09
C32 R16 G . 11.98 18.10 -1.46
C33 R16 G . 11.38 19.51 -1.46
C34 R16 G . 11.43 20.06 -2.89
C35 R16 G . 10.71 21.41 -2.93
H282 R16 G . 14.26 14.25 1.97
H291 R16 G . 14.89 16.42 1.32
H292 R16 G . 13.37 16.41 1.77
H301 R16 G . 13.20 15.93 -0.80
H302 R16 G . 14.39 16.98 -0.72
H311 R16 G . 13.04 18.57 0.25
H312 R16 G . 11.89 17.50 0.52
H321 R16 G . 11.28 17.46 -1.65
H322 R16 G . 12.67 18.05 -2.13
H331 R16 G . 11.90 20.09 -0.88
H332 R16 G . 10.47 19.48 -1.16
H341 R16 G . 10.98 19.45 -3.49
H342 R16 G . 12.34 20.17 -3.17
H352 R16 G . 11.16 22.02 -2.32
C10 Q6F H . 10.83 7.22 10.95
C13 Q6F H . 10.33 8.50 10.22
C15 Q6F H . 10.71 6.96 12.32
C17 Q6F H . 11.14 5.74 12.89
C20 Q6F H . 12.29 1.10 14.13
C21 Q6F H . 6.96 7.85 6.28
C22 Q6F H . 6.14 9.65 7.66
C09 Q6F H . 10.02 9.66 7.92
C11 Q6F H . 11.70 4.69 12.12
C12 Q6F H . 8.58 9.32 7.48
C14 Q6F H . 11.35 6.16 10.20
C16 Q6F H . 11.76 4.96 10.75
C18 Q6F H . 8.27 8.22 6.63
C19 Q6F H . 7.46 9.99 8.00
C23 Q6F H . 5.91 8.59 6.80
N07 Q6F H . 10.53 8.59 8.80
N08 Q6F H . 12.16 3.43 12.66
O04 Q6F H . 9.89 9.27 10.73
O05 Q6F H . 12.05 3.44 15.19
O06 Q6F H . 10.20 2.59 13.99
S03 Q6F H . 11.60 2.71 14.07
CL1 Q6F H . 9.58 7.26 5.94
CL2 Q6F H . 4.29 8.16 6.38
O19 16C I . -8.12 -3.42 -24.95
C19 16C I . -7.22 -3.02 -25.59
N2 16C I . -7.06 -3.40 -26.99
C2 16C I . -7.99 -4.31 -27.63
C1 16C I . -8.74 -3.61 -28.78
O1 16C I . -9.56 -4.52 -29.45
C3 16C I . -7.21 -5.50 -28.20
C4 16C I . -6.45 -6.23 -27.09
C5 16C I . -5.21 -6.65 -27.32
C6 16C I . -4.40 -7.37 -26.23
C7 16C I . -3.33 -6.43 -25.67
C8 16C I . -2.31 -6.09 -26.76
C9 16C I . -0.97 -5.72 -26.11
C10 16C I . -0.56 -6.80 -25.09
C11 16C I . -0.69 -6.26 -23.67
C12 16C I . 0.67 -5.75 -23.20
C13 16C I . 0.92 -6.20 -21.76
C14 16C I . 2.42 -6.47 -21.58
C15 16C I . 3.06 -5.58 -20.53
C16 16C I . 4.51 -6.03 -20.32
C17 16C I . 4.94 -5.93 -18.85
C18 16C I . 5.85 -4.71 -18.69
O3 16C I . -8.13 -6.36 -28.82
C20 16C I . -6.22 -2.06 -24.94
C21 16C I . -5.00 -2.84 -24.46
C22 16C I . -3.78 -1.93 -24.54
C23 16C I . -2.95 -2.04 -23.26
C24 16C I . -1.48 -2.15 -23.63
C25 16C I . -0.63 -2.21 -22.36
C26 16C I . 0.58 -1.28 -22.50
C27 16C I . 1.89 -2.05 -22.35
C28 16C I . 3.02 -1.28 -23.04
C29 16C I . 4.38 -1.79 -22.55
C30 16C I . 5.41 -1.74 -23.68
C31 16C I . 6.56 -2.72 -23.42
C32 16C I . 6.96 -3.41 -24.72
C33 16C I . 7.16 -4.91 -24.48
C34 16C I . 6.45 -5.72 -25.56
C31 R16 J . -15.59 3.92 12.37
C32 R16 J . -15.95 3.12 13.62
C33 R16 J . -15.73 1.61 13.38
C34 R16 J . -15.78 0.84 14.70
C35 R16 J . -15.60 -0.66 14.44
C36 R16 J . -14.89 -1.31 15.63
C37 R16 J . -15.34 -2.77 15.73
C38 R16 J . -14.12 -3.68 15.84
C39 R16 J . -14.59 -5.08 16.21
C40 R16 J . -13.38 -5.98 16.48
C41 R16 J . -13.82 -7.22 17.25
C31 R16 K . 6.45 20.51 7.36
C32 R16 K . 5.72 19.30 7.93
C33 R16 K . 6.21 19.04 9.36
C34 R16 K . 5.36 17.95 10.01
C35 R16 K . 5.53 18.03 11.54
C36 R16 K . 5.87 16.66 12.13
C37 R16 K . 7.23 16.75 12.85
C38 R16 K . 7.63 15.35 13.31
C39 R16 K . 9.15 15.27 13.53
C40 R16 K . 9.54 13.80 13.77
C41 R16 K . 10.74 13.73 14.70
H312 R16 K . 7.40 20.36 7.36
H321 R16 K . 4.77 19.46 7.94
H322 R16 K . 5.91 18.52 7.39
H331 R16 K . 7.13 18.76 9.34
H332 R16 K . 6.13 19.85 9.88
H341 R16 K . 4.42 18.08 9.78
H342 R16 K . 5.65 17.07 9.69
H351 R16 K . 6.25 18.64 11.74
H352 R16 K . 4.71 18.35 11.93
H361 R16 K . 5.19 16.40 12.77
H362 R16 K . 5.92 16.00 11.43
H371 R16 K . 7.89 17.09 12.24
H372 R16 K . 7.15 17.33 13.61
H381 R16 K . 7.18 15.14 14.14
H382 R16 K . 7.38 14.71 12.63
H391 R16 K . 9.61 15.60 12.75
H392 R16 K . 9.39 15.80 14.31
H401 R16 K . 8.79 13.34 14.17
H402 R16 K . 9.76 13.39 12.92
H412 R16 K . 10.98 12.80 14.85
C31 R16 L . -11.22 11.97 21.56
C32 R16 L . -10.15 10.97 21.97
C33 R16 L . -10.76 9.56 21.96
C34 R16 L . -9.69 8.50 22.18
C35 R16 L . -10.34 7.12 22.09
C36 R16 L . -9.38 6.05 22.60
C37 R16 L . -10.12 4.71 22.62
C38 R16 L . -9.14 3.56 22.88
C39 R16 L . -9.77 2.24 22.43
C40 R16 L . -8.98 1.07 23.01
C41 R16 L . -9.81 -0.21 22.92
H312 R16 L . -11.96 11.94 22.19
H321 R16 L . -9.42 11.00 21.33
H322 R16 L . -9.83 11.18 22.85
H331 R16 L . -11.42 9.50 22.68
H332 R16 L . -11.20 9.41 21.11
H341 R16 L . -9.00 8.59 21.49
H342 R16 L . -9.28 8.62 23.05
H351 R16 L . -11.14 7.11 22.62
H352 R16 L . -10.56 6.93 21.16
H361 R16 L . -8.61 5.98 22.01
H362 R16 L . -9.09 6.27 23.50
H371 R16 L . -10.79 4.73 23.32
H372 R16 L . -10.56 4.58 21.77
H381 R16 L . -8.32 3.73 22.39
H382 R16 L . -8.94 3.51 23.82
H391 R16 L . -10.68 2.20 22.73
H392 R16 L . -9.74 2.20 21.45
H401 R16 L . -8.16 0.95 22.49
H402 R16 L . -8.77 1.25 23.93
H412 R16 L . -9.32 -0.95 23.29
K K M . 2.35 -1.88 2.67
K K N . -1.64 1.69 -0.64
K K O . 7.64 -6.73 6.76
CD CD P . 7.80 -20.26 3.75
CD CD Q . -27.00 31.85 16.84
CD CD R . 3.09 -21.38 -4.58
C28 R16 S . -12.62 21.66 8.52
C29 R16 S . -12.66 21.54 10.05
C30 R16 S . -13.32 20.24 10.52
C31 R16 S . -13.08 20.06 12.03
C32 R16 S . -13.64 18.73 12.53
C33 R16 S . -12.84 17.54 12.00
C34 R16 S . -13.65 16.26 12.20
C35 R16 S . -12.85 15.18 12.94
C36 R16 S . -13.83 14.27 13.67
C37 R16 S . -13.13 13.02 14.21
C38 R16 S . -14.00 12.46 15.34
C39 R16 S . -13.33 11.26 15.99
C27 R16 T . -13.43 26.36 13.11
C28 R16 T . -13.65 24.94 13.63
C29 R16 T . -12.39 24.30 14.25
C30 R16 T . -12.81 23.09 15.11
C31 R16 T . -11.60 22.21 15.46
C32 R16 T . -12.09 20.90 16.07
C33 R16 T . -10.94 19.90 16.17
C34 R16 T . -11.49 18.54 16.65
C35 R16 T . -10.34 17.55 16.70
C36 R16 T . -10.87 16.15 16.99
C37 R16 T . -9.71 15.16 16.86
C38 R16 T . -10.24 13.76 16.61
C39 R16 T . -9.20 12.69 16.99
C40 R16 T . -9.91 11.40 17.39
C41 R16 T . -8.95 10.21 17.42
C42 R16 T . -9.73 8.89 17.42
C28 R16 U . -19.26 -12.49 -3.42
C29 R16 U . -18.07 -12.28 -2.47
C30 R16 U . -17.76 -13.57 -1.73
C31 R16 U . -16.34 -13.48 -1.19
C32 R16 U . -16.01 -14.72 -0.36
C33 R16 U . -14.48 -14.80 -0.20
C34 R16 U . -14.08 -15.85 0.83
C35 R16 U . -12.55 -15.91 0.97
H282 R16 U . -19.45 -11.66 -3.89
H291 R16 U . -18.30 -11.58 -1.84
H292 R16 U . -17.29 -12.01 -2.99
H301 R16 U . -17.84 -14.32 -2.33
H302 R16 U . -18.39 -13.67 -1.00
H311 R16 U . -16.26 -12.69 -0.63
H312 R16 U . -15.72 -13.40 -1.93
H321 R16 U . -16.32 -15.51 -0.82
H322 R16 U . -16.42 -14.65 0.51
H331 R16 U . -14.15 -13.93 0.09
H332 R16 U . -14.09 -15.01 -1.06
H341 R16 U . -14.40 -16.72 0.53
H342 R16 U . -14.48 -15.64 1.69
H352 R16 U . -12.23 -15.04 1.27
C10 Q6F V . -0.35 -16.22 -1.98
C13 Q6F V . -1.69 -15.69 -2.57
C15 Q6F V . 0.22 -15.74 -0.79
C17 Q6F V . 1.44 -16.22 -0.29
C20 Q6F V . 4.51 -16.58 1.86
C21 Q6F V . -3.19 -10.65 -2.22
C22 Q6F V . -3.35 -11.49 -4.48
C09 Q6F V . -3.93 -14.48 -2.07
C11 Q6F V . 2.19 -17.22 -0.96
C12 Q6F V . -3.70 -13.06 -2.61
C14 Q6F V . 0.41 -17.20 -2.65
C16 Q6F V . 1.62 -17.68 -2.15
C18 Q6F V . -3.46 -11.96 -1.76
C19 Q6F V . -3.61 -12.78 -3.99
C23 Q6F V . -3.15 -10.44 -3.60
N07 Q6F V . -2.65 -15.09 -1.65
N08 Q6F V . 3.46 -17.72 -0.44
O04 Q6F V . -1.95 -15.79 -3.83
O05 Q6F V . 5.97 -17.43 -0.09
O06 Q6F V . 4.65 -15.49 -0.46
S03 Q6F V . 4.73 -16.77 0.13
CL1 Q6F V . -3.52 -12.22 0.00
CL2 Q6F V . -2.84 -8.83 -4.23
C31 R16 W . -17.13 -1.09 7.27
C32 R16 W . -16.09 -1.74 8.19
C33 R16 W . -16.61 -1.84 9.62
C34 R16 W . -16.09 -3.13 10.26
C35 R16 W . -17.09 -3.67 11.28
C36 R16 W . -16.93 -5.19 11.39
C37 R16 W . -17.50 -5.68 12.73
C38 R16 W . -17.23 -7.18 12.87
C39 R16 W . -17.69 -7.65 14.26
C40 R16 W . -17.23 -9.08 14.49
C41 R16 W . -17.86 -9.66 15.76
C31 R16 X . -1.70 -21.74 -6.53
C32 R16 X . -2.89 -21.05 -7.20
C33 R16 X . -2.66 -19.53 -7.15
C34 R16 X . -2.91 -18.90 -8.51
C35 R16 X . -4.40 -18.62 -8.69
C36 R16 X . -4.61 -17.89 -10.03
C37 R16 X . -5.96 -17.17 -10.00
C38 R16 X . -5.98 -16.01 -10.98
C39 R16 X . -7.18 -15.09 -10.71
C40 R16 X . -8.48 -15.89 -10.75
C41 R16 X . -9.67 -14.98 -10.46
H312 R16 X . -1.64 -21.45 -5.61
H321 R16 X . -2.95 -21.32 -8.12
H322 R16 X . -3.70 -21.26 -6.73
H331 R16 X . -3.27 -19.14 -6.49
H332 R16 X . -1.75 -19.35 -6.87
H341 R16 X . -2.42 -18.07 -8.58
H342 R16 X . -2.62 -19.51 -9.21
H351 R16 X . -4.90 -19.45 -8.69
H352 R16 X . -4.72 -18.06 -7.96
H361 R16 X . -3.90 -17.24 -10.14
H362 R16 X . -4.60 -18.53 -10.75
H371 R16 X . -6.66 -17.80 -10.23
H372 R16 X . -6.13 -16.84 -9.10
H381 R16 X . -5.15 -15.49 -10.89
H382 R16 X . -6.04 -16.34 -11.89
H391 R16 X . -7.06 -14.69 -9.83
H392 R16 X . -7.20 -14.39 -11.38
H401 R16 X . -8.59 -16.30 -11.61
H402 R16 X . -8.45 -16.59 -10.07
H412 R16 X . -10.49 -15.49 -10.49
#